data_5UEF
# 
_entry.id   5UEF 
# 
_audit_conform.dict_name       mmcif_pdbx.dic 
_audit_conform.dict_version    5.379 
_audit_conform.dict_location   http://mmcif.pdb.org/dictionaries/ascii/mmcif_pdbx.dic 
# 
loop_
_database_2.database_id 
_database_2.database_code 
_database_2.pdbx_database_accession 
_database_2.pdbx_DOI 
PDB   5UEF         pdb_00005uef 10.2210/pdb5uef/pdb 
WWPDB D_1000225740 ?            ?                   
# 
loop_
_pdbx_database_related.content_type 
_pdbx_database_related.db_id 
_pdbx_database_related.db_name 
_pdbx_database_related.details 
unspecified 5UED PDB . 
unspecified 5UEE PDB . 
unspecified 5UEG PDB . 
# 
_pdbx_database_status.status_code                     REL 
_pdbx_database_status.status_code_sf                  REL 
_pdbx_database_status.status_code_mr                  ? 
_pdbx_database_status.entry_id                        5UEF 
_pdbx_database_status.recvd_initial_deposition_date   2017-01-02 
_pdbx_database_status.SG_entry                        N 
_pdbx_database_status.deposit_site                    RCSB 
_pdbx_database_status.process_site                    RCSB 
_pdbx_database_status.status_code_cs                  ? 
_pdbx_database_status.methods_development_category    ? 
_pdbx_database_status.pdb_format_compatible           Y 
_pdbx_database_status.status_code_nmr_data            ? 
# 
loop_
_audit_author.name 
_audit_author.pdbx_ordinal 
_audit_author.identifier_ORCID 
'Zhang, W.'     1 ? 
'Tam, C.P.'     2 ? 
'Szostak, J.W.' 3 ? 
# 
_citation.abstract                  ? 
_citation.abstract_id_CAS           ? 
_citation.book_id_ISBN              ? 
_citation.book_publisher            ? 
_citation.book_publisher_city       ? 
_citation.book_title                ? 
_citation.coordinate_linkage        ? 
_citation.country                   US 
_citation.database_id_Medline       ? 
_citation.details                   ? 
_citation.id                        primary 
_citation.journal_abbrev            'Proc. Natl. Acad. Sci. U.S.A.' 
_citation.journal_id_ASTM           PNASA6 
_citation.journal_id_CSD            0040 
_citation.journal_id_ISSN           1091-6490 
_citation.journal_full              ? 
_citation.journal_issue             ? 
_citation.journal_volume            114 
_citation.language                  ? 
_citation.page_first                7659 
_citation.page_last                 7664 
_citation.title                     
'Insight into the mechanism of nonenzymatic RNA primer extension from the structure of an RNA-GpppG complex.' 
_citation.year                      2017 
_citation.database_id_CSD           ? 
_citation.pdbx_database_id_DOI      10.1073/pnas.1704006114 
_citation.pdbx_database_id_PubMed   28673998 
_citation.unpublished_flag          ? 
# 
loop_
_citation_author.citation_id 
_citation_author.name 
_citation_author.ordinal 
_citation_author.identifier_ORCID 
primary 'Zhang, W.'        1 ? 
primary 'Tam, C.P.'        2 ? 
primary 'Walton, T.'       3 ? 
primary 'Fahrenbach, A.C.' 4 ? 
primary 'Birrane, G.'      5 ? 
primary 'Szostak, J.W.'    6 ? 
# 
_cell.angle_alpha                  90.00 
_cell.angle_alpha_esd              ? 
_cell.angle_beta                   90.00 
_cell.angle_beta_esd               ? 
_cell.angle_gamma                  120.00 
_cell.angle_gamma_esd              ? 
_cell.entry_id                     5UEF 
_cell.details                      ? 
_cell.formula_units_Z              ? 
_cell.length_a                     43.628 
_cell.length_a_esd                 ? 
_cell.length_b                     43.628 
_cell.length_b_esd                 ? 
_cell.length_c                     84.051 
_cell.length_c_esd                 ? 
_cell.volume                       ? 
_cell.volume_esd                   ? 
_cell.Z_PDB                        12 
_cell.reciprocal_angle_alpha       ? 
_cell.reciprocal_angle_beta        ? 
_cell.reciprocal_angle_gamma       ? 
_cell.reciprocal_angle_alpha_esd   ? 
_cell.reciprocal_angle_beta_esd    ? 
_cell.reciprocal_angle_gamma_esd   ? 
_cell.reciprocal_length_a          ? 
_cell.reciprocal_length_b          ? 
_cell.reciprocal_length_c          ? 
_cell.reciprocal_length_a_esd      ? 
_cell.reciprocal_length_b_esd      ? 
_cell.reciprocal_length_c_esd      ? 
_cell.pdbx_unique_axis             ? 
# 
_symmetry.entry_id                         5UEF 
_symmetry.cell_setting                     ? 
_symmetry.Int_Tables_number                150 
_symmetry.space_group_name_Hall            ? 
_symmetry.space_group_name_H-M             'P 3 2 1' 
_symmetry.pdbx_full_space_group_name_H-M   ? 
# 
loop_
_entity.id 
_entity.type 
_entity.src_method 
_entity.pdbx_description 
_entity.formula_weight 
_entity.pdbx_number_of_molecules 
_entity.pdbx_ec 
_entity.pdbx_mutation 
_entity.pdbx_fragment 
_entity.details 
1 polymer syn 
;RNA (5'-R(*(LCC)P*(LCC)P*(LCC)P*GP*AP*CP*UP*UP*AP*AP*GP*UP*CP*G)-3')
;
4500.794 2 ? ? ? ? 
2 polymer syn 
;RNA (5'-R(P*GP*G)-3')
;
645.454  2 ? ? ? ? 
3 water   nat water                                                                  18.015   8 ? ? ? ? 
# 
loop_
_entity_poly.entity_id 
_entity_poly.type 
_entity_poly.nstd_linkage 
_entity_poly.nstd_monomer 
_entity_poly.pdbx_seq_one_letter_code 
_entity_poly.pdbx_seq_one_letter_code_can 
_entity_poly.pdbx_strand_id 
_entity_poly.pdbx_target_identifier 
1 polyribonucleotide no yes '(LCC)(LCC)(LCC)GACUUAAGUCG' NNNGACUUAAGUCG A,B ? 
2 polyribonucleotide no no  GG                           GG             C,D ? 
# 
loop_
_entity_poly_seq.entity_id 
_entity_poly_seq.num 
_entity_poly_seq.mon_id 
_entity_poly_seq.hetero 
1 1  LCC n 
1 2  LCC n 
1 3  LCC n 
1 4  G   n 
1 5  A   n 
1 6  C   n 
1 7  U   n 
1 8  U   n 
1 9  A   n 
1 10 A   n 
1 11 G   n 
1 12 U   n 
1 13 C   n 
1 14 G   n 
2 1  G   n 
2 2  G   n 
# 
loop_
_pdbx_entity_src_syn.entity_id 
_pdbx_entity_src_syn.pdbx_src_id 
_pdbx_entity_src_syn.pdbx_alt_source_flag 
_pdbx_entity_src_syn.pdbx_beg_seq_num 
_pdbx_entity_src_syn.pdbx_end_seq_num 
_pdbx_entity_src_syn.organism_scientific 
_pdbx_entity_src_syn.organism_common_name 
_pdbx_entity_src_syn.ncbi_taxonomy_id 
_pdbx_entity_src_syn.details 
1 1 sample 1 14 'synthetic construct' ? 32630 ? 
2 1 sample 1 2  'synthetic construct' ? 32630 ? 
# 
loop_
_struct_ref.id 
_struct_ref.db_name 
_struct_ref.db_code 
_struct_ref.pdbx_db_accession 
_struct_ref.pdbx_db_isoform 
_struct_ref.entity_id 
_struct_ref.pdbx_seq_one_letter_code 
_struct_ref.pdbx_align_begin 
1 PDB 5UEF 5UEF ? 1 ? 1 
2 PDB 5UEF 5UEF ? 2 ? 1 
# 
loop_
_struct_ref_seq.align_id 
_struct_ref_seq.ref_id 
_struct_ref_seq.pdbx_PDB_id_code 
_struct_ref_seq.pdbx_strand_id 
_struct_ref_seq.seq_align_beg 
_struct_ref_seq.pdbx_seq_align_beg_ins_code 
_struct_ref_seq.seq_align_end 
_struct_ref_seq.pdbx_seq_align_end_ins_code 
_struct_ref_seq.pdbx_db_accession 
_struct_ref_seq.db_align_beg 
_struct_ref_seq.pdbx_db_align_beg_ins_code 
_struct_ref_seq.db_align_end 
_struct_ref_seq.pdbx_db_align_end_ins_code 
_struct_ref_seq.pdbx_auth_seq_align_beg 
_struct_ref_seq.pdbx_auth_seq_align_end 
1 1 5UEF A 1 ? 14 ? 5UEF 1 ? 14 ? 1 14 
2 1 5UEF B 1 ? 14 ? 5UEF 1 ? 14 ? 1 14 
3 2 5UEF C 1 ? 2  ? 5UEF 1 ? 2  ? 1 2  
4 2 5UEF D 1 ? 2  ? 5UEF 1 ? 2  ? 1 2  
# 
loop_
_chem_comp.id 
_chem_comp.type 
_chem_comp.mon_nstd_flag 
_chem_comp.name 
_chem_comp.pdbx_synonyms 
_chem_comp.formula 
_chem_comp.formula_weight 
A   'RNA linking' y "ADENOSINE-5'-MONOPHOSPHATE" ? 'C10 H14 N5 O7 P' 347.221 
C   'RNA linking' y "CYTIDINE-5'-MONOPHOSPHATE" ? 'C9 H14 N3 O8 P'  323.197 
G   'RNA linking' y "GUANOSINE-5'-MONOPHOSPHATE" ? 'C10 H14 N5 O8 P' 363.221 
HOH non-polymer   . WATER ? 'H2 O'            18.015  
LCC 'RNA linking' . 
'[(1R,3R,4R,7S)-7-HYDROXY-3-(5-METHYLCYTOSIN-1-YL)-2,5-DIOXABICYCLO[2.2.1]HEPT-1-YL]METHYL DIHYDROGEN PHOSPHATE' ? 
'C11 H16 N3 O8 P' 349.234 
U   'RNA linking' y "URIDINE-5'-MONOPHOSPHATE" ? 'C9 H13 N2 O9 P'  324.181 
# 
_exptl.absorpt_coefficient_mu     ? 
_exptl.absorpt_correction_T_max   ? 
_exptl.absorpt_correction_T_min   ? 
_exptl.absorpt_correction_type    ? 
_exptl.absorpt_process_details    ? 
_exptl.entry_id                   5UEF 
_exptl.crystals_number            1 
_exptl.details                    ? 
_exptl.method                     'X-RAY DIFFRACTION' 
_exptl.method_details             ? 
# 
_exptl_crystal.colour                      ? 
_exptl_crystal.density_diffrn              ? 
_exptl_crystal.density_Matthews            2.3 
_exptl_crystal.density_method              ? 
_exptl_crystal.density_percent_sol         49.5 
_exptl_crystal.description                 ? 
_exptl_crystal.F_000                       ? 
_exptl_crystal.id                          1 
_exptl_crystal.preparation                 ? 
_exptl_crystal.size_max                    ? 
_exptl_crystal.size_mid                    ? 
_exptl_crystal.size_min                    ? 
_exptl_crystal.size_rad                    ? 
_exptl_crystal.colour_lustre               ? 
_exptl_crystal.colour_modifier             ? 
_exptl_crystal.colour_primary              ? 
_exptl_crystal.density_meas                ? 
_exptl_crystal.density_meas_esd            ? 
_exptl_crystal.density_meas_gt             ? 
_exptl_crystal.density_meas_lt             ? 
_exptl_crystal.density_meas_temp           ? 
_exptl_crystal.density_meas_temp_esd       ? 
_exptl_crystal.density_meas_temp_gt        ? 
_exptl_crystal.density_meas_temp_lt        ? 
_exptl_crystal.pdbx_crystal_image_url      ? 
_exptl_crystal.pdbx_crystal_image_format   ? 
_exptl_crystal.pdbx_mosaicity              ? 
_exptl_crystal.pdbx_mosaicity_esd          ? 
# 
_exptl_crystal_grow.apparatus       ? 
_exptl_crystal_grow.atmosphere      ? 
_exptl_crystal_grow.crystal_id      1 
_exptl_crystal_grow.details         ? 
_exptl_crystal_grow.method          'VAPOR DIFFUSION, SITTING DROP' 
_exptl_crystal_grow.method_ref      ? 
_exptl_crystal_grow.pH              7.5 
_exptl_crystal_grow.pressure        ? 
_exptl_crystal_grow.pressure_esd    ? 
_exptl_crystal_grow.seeding         ? 
_exptl_crystal_grow.seeding_ref     ? 
_exptl_crystal_grow.temp            293 
_exptl_crystal_grow.temp_details    ? 
_exptl_crystal_grow.temp_esd        ? 
_exptl_crystal_grow.time            ? 
_exptl_crystal_grow.pdbx_details    
'0.05 M Magnesium chloride, 0.1 M HEPES sodium pH 7.5, 2% v/v Polyethylene glycol 400, 2.0 M Ammonium sulfate' 
_exptl_crystal_grow.pdbx_pH_range   ? 
# 
_diffrn.ambient_environment    ? 
_diffrn.ambient_temp           99 
_diffrn.ambient_temp_details   ? 
_diffrn.ambient_temp_esd       ? 
_diffrn.crystal_id             1 
_diffrn.crystal_support        ? 
_diffrn.crystal_treatment      ? 
_diffrn.details                ? 
_diffrn.id                     1 
_diffrn.ambient_pressure       ? 
_diffrn.ambient_pressure_esd   ? 
_diffrn.ambient_pressure_gt    ? 
_diffrn.ambient_pressure_lt    ? 
_diffrn.ambient_temp_gt        ? 
_diffrn.ambient_temp_lt        ? 
# 
_diffrn_detector.details                      ? 
_diffrn_detector.detector                     CCD 
_diffrn_detector.diffrn_id                    1 
_diffrn_detector.type                         'ADSC QUANTUM 315' 
_diffrn_detector.area_resol_mean              ? 
_diffrn_detector.dtime                        ? 
_diffrn_detector.pdbx_frames_total            ? 
_diffrn_detector.pdbx_collection_time_total   ? 
_diffrn_detector.pdbx_collection_date         2016-07-20 
# 
_diffrn_radiation.collimation                      ? 
_diffrn_radiation.diffrn_id                        1 
_diffrn_radiation.filter_edge                      ? 
_diffrn_radiation.inhomogeneity                    ? 
_diffrn_radiation.monochromator                    ? 
_diffrn_radiation.polarisn_norm                    ? 
_diffrn_radiation.polarisn_ratio                   ? 
_diffrn_radiation.probe                            ? 
_diffrn_radiation.type                             ? 
_diffrn_radiation.xray_symbol                      ? 
_diffrn_radiation.wavelength_id                    1 
_diffrn_radiation.pdbx_monochromatic_or_laue_m_l   M 
_diffrn_radiation.pdbx_wavelength_list             ? 
_diffrn_radiation.pdbx_wavelength                  ? 
_diffrn_radiation.pdbx_diffrn_protocol             'SINGLE WAVELENGTH' 
_diffrn_radiation.pdbx_analyzer                    ? 
_diffrn_radiation.pdbx_scattering_type             x-ray 
# 
_diffrn_radiation_wavelength.id           1 
_diffrn_radiation_wavelength.wavelength   0.997 
_diffrn_radiation_wavelength.wt           1.0 
# 
_diffrn_source.current                     ? 
_diffrn_source.details                     ? 
_diffrn_source.diffrn_id                   1 
_diffrn_source.power                       ? 
_diffrn_source.size                        ? 
_diffrn_source.source                      SYNCHROTRON 
_diffrn_source.target                      ? 
_diffrn_source.type                        'ALS BEAMLINE 8.2.2' 
_diffrn_source.voltage                     ? 
_diffrn_source.take-off_angle              ? 
_diffrn_source.pdbx_wavelength_list        0.997 
_diffrn_source.pdbx_wavelength             ? 
_diffrn_source.pdbx_synchrotron_beamline   8.2.2 
_diffrn_source.pdbx_synchrotron_site       ALS 
# 
_reflns.B_iso_Wilson_estimate            ? 
_reflns.entry_id                         5UEF 
_reflns.data_reduction_details           ? 
_reflns.data_reduction_method            ? 
_reflns.d_resolution_high                2.10 
_reflns.d_resolution_low                 50 
_reflns.details                          ? 
_reflns.limit_h_max                      ? 
_reflns.limit_h_min                      ? 
_reflns.limit_k_max                      ? 
_reflns.limit_k_min                      ? 
_reflns.limit_l_max                      ? 
_reflns.limit_l_min                      ? 
_reflns.number_all                       ? 
_reflns.number_obs                       5804 
_reflns.observed_criterion               ? 
_reflns.observed_criterion_F_max         ? 
_reflns.observed_criterion_F_min         ? 
_reflns.observed_criterion_I_max         ? 
_reflns.observed_criterion_I_min         ? 
_reflns.observed_criterion_sigma_F       ? 
_reflns.observed_criterion_sigma_I       ? 
_reflns.percent_possible_obs             99.8 
_reflns.R_free_details                   ? 
_reflns.Rmerge_F_all                     ? 
_reflns.Rmerge_F_obs                     ? 
_reflns.Friedel_coverage                 ? 
_reflns.number_gt                        ? 
_reflns.threshold_expression             ? 
_reflns.pdbx_redundancy                  9.6 
_reflns.pdbx_Rmerge_I_obs                0.074 
_reflns.pdbx_Rmerge_I_all                ? 
_reflns.pdbx_Rsym_value                  ? 
_reflns.pdbx_netI_over_av_sigmaI         ? 
_reflns.pdbx_netI_over_sigmaI            30.86 
_reflns.pdbx_res_netI_over_av_sigmaI_2   ? 
_reflns.pdbx_res_netI_over_sigmaI_2      ? 
_reflns.pdbx_chi_squared                 ? 
_reflns.pdbx_scaling_rejects             ? 
_reflns.pdbx_d_res_high_opt              ? 
_reflns.pdbx_d_res_low_opt               ? 
_reflns.pdbx_d_res_opt_method            ? 
_reflns.phase_calculation_details        ? 
_reflns.pdbx_Rrim_I_all                  ? 
_reflns.pdbx_Rpim_I_all                  ? 
_reflns.pdbx_d_opt                       ? 
_reflns.pdbx_number_measured_all         ? 
_reflns.pdbx_diffrn_id                   1 
_reflns.pdbx_ordinal                     1 
_reflns.pdbx_CC_half                     0.979 
_reflns.pdbx_R_split                     ? 
# 
_reflns_shell.d_res_high                  2.10 
_reflns_shell.d_res_low                   2.18 
_reflns_shell.meanI_over_sigI_all         ? 
_reflns_shell.meanI_over_sigI_obs         2.78 
_reflns_shell.number_measured_all         ? 
_reflns_shell.number_measured_obs         ? 
_reflns_shell.number_possible             ? 
_reflns_shell.number_unique_all           ? 
_reflns_shell.number_unique_obs           ? 
_reflns_shell.percent_possible_all        99.6 
_reflns_shell.percent_possible_obs        ? 
_reflns_shell.Rmerge_F_all                ? 
_reflns_shell.Rmerge_F_obs                ? 
_reflns_shell.Rmerge_I_all                ? 
_reflns_shell.Rmerge_I_obs                0.469 
_reflns_shell.meanI_over_sigI_gt          ? 
_reflns_shell.meanI_over_uI_all           ? 
_reflns_shell.meanI_over_uI_gt            ? 
_reflns_shell.number_measured_gt          ? 
_reflns_shell.number_unique_gt            ? 
_reflns_shell.percent_possible_gt         ? 
_reflns_shell.Rmerge_F_gt                 ? 
_reflns_shell.Rmerge_I_gt                 ? 
_reflns_shell.pdbx_redundancy             7.0 
_reflns_shell.pdbx_Rsym_value             ? 
_reflns_shell.pdbx_chi_squared            ? 
_reflns_shell.pdbx_netI_over_sigmaI_all   ? 
_reflns_shell.pdbx_netI_over_sigmaI_obs   ? 
_reflns_shell.pdbx_Rrim_I_all             ? 
_reflns_shell.pdbx_Rpim_I_all             ? 
_reflns_shell.pdbx_rejects                ? 
_reflns_shell.pdbx_ordinal                1 
_reflns_shell.pdbx_diffrn_id              1 
_reflns_shell.pdbx_CC_half                0.885 
_reflns_shell.pdbx_R_split                ? 
# 
_refine.aniso_B[1][1]                            0.00 
_refine.aniso_B[1][2]                            0.00 
_refine.aniso_B[1][3]                            0.00 
_refine.aniso_B[2][2]                            0.00 
_refine.aniso_B[2][3]                            0.00 
_refine.aniso_B[3][3]                            0.01 
_refine.B_iso_max                                ? 
_refine.B_iso_mean                               46.671 
_refine.B_iso_min                                ? 
_refine.correlation_coeff_Fo_to_Fc               0.959 
_refine.correlation_coeff_Fo_to_Fc_free          0.939 
_refine.details                                  'HYDROGENS HAVE BEEN ADDED IN THE RIDING POSITIONS' 
_refine.diff_density_max                         ? 
_refine.diff_density_max_esd                     ? 
_refine.diff_density_min                         ? 
_refine.diff_density_min_esd                     ? 
_refine.diff_density_rms                         ? 
_refine.diff_density_rms_esd                     ? 
_refine.entry_id                                 5UEF 
_refine.pdbx_refine_id                           'X-RAY DIFFRACTION' 
_refine.ls_abs_structure_details                 ? 
_refine.ls_abs_structure_Flack                   ? 
_refine.ls_abs_structure_Flack_esd               ? 
_refine.ls_abs_structure_Rogers                  ? 
_refine.ls_abs_structure_Rogers_esd              ? 
_refine.ls_d_res_high                            2.10 
_refine.ls_d_res_low                             50 
_refine.ls_extinction_coef                       ? 
_refine.ls_extinction_coef_esd                   ? 
_refine.ls_extinction_expression                 ? 
_refine.ls_extinction_method                     ? 
_refine.ls_goodness_of_fit_all                   ? 
_refine.ls_goodness_of_fit_all_esd               ? 
_refine.ls_goodness_of_fit_obs                   ? 
_refine.ls_goodness_of_fit_obs_esd               ? 
_refine.ls_hydrogen_treatment                    ? 
_refine.ls_matrix_type                           ? 
_refine.ls_number_constraints                    ? 
_refine.ls_number_parameters                     ? 
_refine.ls_number_reflns_all                     ? 
_refine.ls_number_reflns_obs                     5391 
_refine.ls_number_reflns_R_free                  297 
_refine.ls_number_reflns_R_work                  ? 
_refine.ls_number_restraints                     ? 
_refine.ls_percent_reflns_obs                    97.63 
_refine.ls_percent_reflns_R_free                 5.2 
_refine.ls_R_factor_all                          ? 
_refine.ls_R_factor_obs                          0.24289 
_refine.ls_R_factor_R_free                       0.30318 
_refine.ls_R_factor_R_free_error                 ? 
_refine.ls_R_factor_R_free_error_details         ? 
_refine.ls_R_factor_R_work                       0.23967 
_refine.ls_R_Fsqd_factor_obs                     ? 
_refine.ls_R_I_factor_obs                        ? 
_refine.ls_redundancy_reflns_all                 ? 
_refine.ls_redundancy_reflns_obs                 ? 
_refine.ls_restrained_S_all                      ? 
_refine.ls_restrained_S_obs                      ? 
_refine.ls_shift_over_esd_max                    ? 
_refine.ls_shift_over_esd_mean                   ? 
_refine.ls_structure_factor_coef                 ? 
_refine.ls_weighting_details                     ? 
_refine.ls_weighting_scheme                      ? 
_refine.ls_wR_factor_all                         ? 
_refine.ls_wR_factor_obs                         ? 
_refine.ls_wR_factor_R_free                      ? 
_refine.ls_wR_factor_R_work                      ? 
_refine.occupancy_max                            ? 
_refine.occupancy_min                            ? 
_refine.solvent_model_details                    ? 
_refine.solvent_model_param_bsol                 ? 
_refine.solvent_model_param_ksol                 ? 
_refine.ls_R_factor_gt                           ? 
_refine.ls_goodness_of_fit_gt                    ? 
_refine.ls_goodness_of_fit_ref                   ? 
_refine.ls_shift_over_su_max                     ? 
_refine.ls_shift_over_su_max_lt                  ? 
_refine.ls_shift_over_su_mean                    ? 
_refine.ls_shift_over_su_mean_lt                 ? 
_refine.pdbx_ls_sigma_I                          ? 
_refine.pdbx_ls_sigma_F                          ? 
_refine.pdbx_ls_sigma_Fsqd                       ? 
_refine.pdbx_data_cutoff_high_absF               ? 
_refine.pdbx_data_cutoff_high_rms_absF           ? 
_refine.pdbx_data_cutoff_low_absF                ? 
_refine.pdbx_isotropic_thermal_model             ? 
_refine.pdbx_ls_cross_valid_method               THROUGHOUT 
_refine.pdbx_method_to_determine_struct          'MOLECULAR REPLACEMENT' 
_refine.pdbx_starting_model                      5DHC 
_refine.pdbx_stereochemistry_target_values       ? 
_refine.pdbx_R_Free_selection_details            RANDOM 
_refine.pdbx_stereochem_target_val_spec_case     ? 
_refine.pdbx_overall_ESU_R                       0.267 
_refine.pdbx_overall_ESU_R_Free                  0.235 
_refine.pdbx_solvent_vdw_probe_radii             1.20 
_refine.pdbx_solvent_ion_probe_radii             0.80 
_refine.pdbx_solvent_shrinkage_radii             0.80 
_refine.pdbx_real_space_R                        ? 
_refine.pdbx_density_correlation                 ? 
_refine.pdbx_pd_number_of_powder_patterns        ? 
_refine.pdbx_pd_number_of_points                 ? 
_refine.pdbx_pd_meas_number_of_points            ? 
_refine.pdbx_pd_proc_ls_prof_R_factor            ? 
_refine.pdbx_pd_proc_ls_prof_wR_factor           ? 
_refine.pdbx_pd_Marquardt_correlation_coeff      ? 
_refine.pdbx_pd_Fsqrd_R_factor                   ? 
_refine.pdbx_pd_ls_matrix_band_width             ? 
_refine.pdbx_overall_phase_error                 ? 
_refine.pdbx_overall_SU_R_free_Cruickshank_DPI   ? 
_refine.pdbx_overall_SU_R_free_Blow_DPI          ? 
_refine.pdbx_overall_SU_R_Blow_DPI               ? 
_refine.pdbx_TLS_residual_ADP_flag               ? 
_refine.pdbx_diffrn_id                           1 
_refine.overall_SU_B                             10.427 
_refine.overall_SU_ML                            0.233 
_refine.overall_SU_R_Cruickshank_DPI             ? 
_refine.overall_SU_R_free                        ? 
_refine.overall_FOM_free_R_set                   ? 
_refine.overall_FOM_work_R_set                   ? 
_refine.pdbx_average_fsc_overall                 ? 
_refine.pdbx_average_fsc_work                    ? 
_refine.pdbx_average_fsc_free                    ? 
# 
_refine_hist.pdbx_refine_id                   'X-RAY DIFFRACTION' 
_refine_hist.cycle_id                         1 
_refine_hist.pdbx_number_atoms_protein        0 
_refine_hist.pdbx_number_atoms_nucleic_acid   690 
_refine_hist.pdbx_number_atoms_ligand         0 
_refine_hist.number_atoms_solvent             8 
_refine_hist.number_atoms_total               698 
_refine_hist.d_res_high                       2.10 
_refine_hist.d_res_low                        50 
# 
loop_
_refine_ls_restr.pdbx_refine_id 
_refine_ls_restr.criterion 
_refine_ls_restr.dev_ideal 
_refine_ls_restr.dev_ideal_target 
_refine_ls_restr.number 
_refine_ls_restr.rejects 
_refine_ls_restr.type 
_refine_ls_restr.weight 
_refine_ls_restr.pdbx_restraint_function 
'X-RAY DIFFRACTION' ? 0.019 0.014  766  ? r_bond_refined_d             ? ? 
'X-RAY DIFFRACTION' ? 0.027 0.022  336  ? r_bond_other_d               ? ? 
'X-RAY DIFFRACTION' ? 2.062 1.589  1188 ? r_angle_refined_deg          ? ? 
'X-RAY DIFFRACTION' ? 3.693 3.144  810  ? r_angle_other_deg            ? ? 
'X-RAY DIFFRACTION' ? ?     ?      ?    ? r_dihedral_angle_1_deg       ? ? 
'X-RAY DIFFRACTION' ? ?     ?      ?    ? r_dihedral_angle_2_deg       ? ? 
'X-RAY DIFFRACTION' ? ?     ?      ?    ? r_dihedral_angle_3_deg       ? ? 
'X-RAY DIFFRACTION' ? ?     ?      ?    ? r_dihedral_angle_4_deg       ? ? 
'X-RAY DIFFRACTION' ? 0.108 0.200  132  ? r_chiral_restr               ? ? 
'X-RAY DIFFRACTION' ? 0.012 0.020  388  ? r_gen_planes_refined         ? ? 
'X-RAY DIFFRACTION' ? 0.002 0.021  156  ? r_gen_planes_other           ? ? 
'X-RAY DIFFRACTION' ? ?     ?      ?    ? r_nbd_refined                ? ? 
'X-RAY DIFFRACTION' ? ?     ?      ?    ? r_nbd_other                  ? ? 
'X-RAY DIFFRACTION' ? ?     ?      ?    ? r_nbtor_refined              ? ? 
'X-RAY DIFFRACTION' ? ?     ?      ?    ? r_nbtor_other                ? ? 
'X-RAY DIFFRACTION' ? ?     ?      ?    ? r_xyhbond_nbd_refined        ? ? 
'X-RAY DIFFRACTION' ? ?     ?      ?    ? r_xyhbond_nbd_other          ? ? 
'X-RAY DIFFRACTION' ? ?     ?      ?    ? r_metal_ion_refined          ? ? 
'X-RAY DIFFRACTION' ? ?     ?      ?    ? r_metal_ion_other            ? ? 
'X-RAY DIFFRACTION' ? ?     ?      ?    ? r_symmetry_vdw_refined       ? ? 
'X-RAY DIFFRACTION' ? ?     ?      ?    ? r_symmetry_vdw_other         ? ? 
'X-RAY DIFFRACTION' ? ?     ?      ?    ? r_symmetry_hbond_refined     ? ? 
'X-RAY DIFFRACTION' ? ?     ?      ?    ? r_symmetry_hbond_other       ? ? 
'X-RAY DIFFRACTION' ? ?     ?      ?    ? r_symmetry_metal_ion_refined ? ? 
'X-RAY DIFFRACTION' ? ?     ?      ?    ? r_symmetry_metal_ion_other   ? ? 
'X-RAY DIFFRACTION' ? ?     ?      ?    ? r_mcbond_it                  ? ? 
'X-RAY DIFFRACTION' ? ?     ?      ?    ? r_mcbond_other               ? ? 
'X-RAY DIFFRACTION' ? ?     ?      ?    ? r_mcangle_it                 ? ? 
'X-RAY DIFFRACTION' ? ?     ?      ?    ? r_mcangle_other              ? ? 
'X-RAY DIFFRACTION' ? 3.705 4.933  765  ? r_scbond_it                  ? ? 
'X-RAY DIFFRACTION' ? 3.708 4.932  764  ? r_scbond_other               ? ? 
'X-RAY DIFFRACTION' ? ?     ?      ?    ? r_scangle_it                 ? ? 
'X-RAY DIFFRACTION' ? 5.217 7.406  1189 ? r_scangle_other              ? ? 
'X-RAY DIFFRACTION' ? 8.977 49.918 1121 ? r_long_range_B_refined       ? ? 
'X-RAY DIFFRACTION' ? 8.973 49.926 1122 ? r_long_range_B_other         ? ? 
'X-RAY DIFFRACTION' ? ?     ?      ?    ? r_rigid_bond_restr           ? ? 
'X-RAY DIFFRACTION' ? ?     ?      ?    ? r_sphericity_free            ? ? 
'X-RAY DIFFRACTION' ? ?     ?      ?    ? r_sphericity_bonded          ? ? 
# 
_refine_ls_shell.pdbx_refine_id                   'X-RAY DIFFRACTION' 
_refine_ls_shell.d_res_high                       2.096 
_refine_ls_shell.d_res_low                        2.151 
_refine_ls_shell.number_reflns_all                ? 
_refine_ls_shell.number_reflns_obs                ? 
_refine_ls_shell.number_reflns_R_free             9 
_refine_ls_shell.number_reflns_R_work             384 
_refine_ls_shell.percent_reflns_obs               97.04 
_refine_ls_shell.percent_reflns_R_free            ? 
_refine_ls_shell.R_factor_all                     ? 
_refine_ls_shell.R_factor_obs                     ? 
_refine_ls_shell.R_factor_R_free                  0.444 
_refine_ls_shell.R_factor_R_free_error            ? 
_refine_ls_shell.R_factor_R_work                  0.363 
_refine_ls_shell.redundancy_reflns_all            ? 
_refine_ls_shell.redundancy_reflns_obs            ? 
_refine_ls_shell.wR_factor_all                    ? 
_refine_ls_shell.wR_factor_obs                    ? 
_refine_ls_shell.wR_factor_R_free                 ? 
_refine_ls_shell.wR_factor_R_work                 ? 
_refine_ls_shell.pdbx_total_number_of_bins_used   20 
_refine_ls_shell.pdbx_phase_error                 ? 
_refine_ls_shell.pdbx_fsc_work                    ? 
_refine_ls_shell.pdbx_fsc_free                    ? 
# 
_struct.entry_id                     5UEF 
_struct.title                        
;RNA primer-template complex with guanosine dinucleotide p(5')G(3')p(5')G ligand
;
_struct.pdbx_model_details           ? 
_struct.pdbx_formula_weight          ? 
_struct.pdbx_formula_weight_method   ? 
_struct.pdbx_model_type_details      ? 
_struct.pdbx_CASP_flag               N 
# 
_struct_keywords.entry_id        5UEF 
_struct_keywords.text            'RNA, dinucleotide' 
_struct_keywords.pdbx_keywords   RNA 
# 
loop_
_struct_asym.id 
_struct_asym.pdbx_blank_PDB_chainid_flag 
_struct_asym.pdbx_modified 
_struct_asym.entity_id 
_struct_asym.details 
A N N 1 ? 
B N N 1 ? 
C N N 2 ? 
D N N 2 ? 
E N N 3 ? 
F N N 3 ? 
G N N 3 ? 
# 
loop_
_struct_conn.id 
_struct_conn.conn_type_id 
_struct_conn.pdbx_leaving_atom_flag 
_struct_conn.pdbx_PDB_id 
_struct_conn.ptnr1_label_asym_id 
_struct_conn.ptnr1_label_comp_id 
_struct_conn.ptnr1_label_seq_id 
_struct_conn.ptnr1_label_atom_id 
_struct_conn.pdbx_ptnr1_label_alt_id 
_struct_conn.pdbx_ptnr1_PDB_ins_code 
_struct_conn.pdbx_ptnr1_standard_comp_id 
_struct_conn.ptnr1_symmetry 
_struct_conn.ptnr2_label_asym_id 
_struct_conn.ptnr2_label_comp_id 
_struct_conn.ptnr2_label_seq_id 
_struct_conn.ptnr2_label_atom_id 
_struct_conn.pdbx_ptnr2_label_alt_id 
_struct_conn.pdbx_ptnr2_PDB_ins_code 
_struct_conn.ptnr1_auth_asym_id 
_struct_conn.ptnr1_auth_comp_id 
_struct_conn.ptnr1_auth_seq_id 
_struct_conn.ptnr2_auth_asym_id 
_struct_conn.ptnr2_auth_comp_id 
_struct_conn.ptnr2_auth_seq_id 
_struct_conn.ptnr2_symmetry 
_struct_conn.pdbx_ptnr3_label_atom_id 
_struct_conn.pdbx_ptnr3_label_seq_id 
_struct_conn.pdbx_ptnr3_label_comp_id 
_struct_conn.pdbx_ptnr3_label_asym_id 
_struct_conn.pdbx_ptnr3_label_alt_id 
_struct_conn.pdbx_ptnr3_PDB_ins_code 
_struct_conn.details 
_struct_conn.pdbx_dist_value 
_struct_conn.pdbx_value_order 
_struct_conn.pdbx_role 
covale1  covale both ? A LCC 1  "O3'" ? ? ? 1_555 A LCC 2  P  ? ? A LCC 1  A LCC 2  1_555 ? ? ? ? ? ? ?            1.499 ? ? 
covale2  covale both ? A LCC 2  "O3'" ? ? ? 1_555 A LCC 3  P  ? ? A LCC 2  A LCC 3  1_555 ? ? ? ? ? ? ?            1.670 ? ? 
covale3  covale both ? A LCC 3  "O3'" ? ? ? 1_555 A G   4  P  ? ? A LCC 3  A G   4  1_555 ? ? ? ? ? ? ?            1.665 ? ? 
covale4  covale both ? B LCC 1  "O3'" ? ? ? 1_555 B LCC 2  P  ? ? B LCC 1  B LCC 2  1_555 ? ? ? ? ? ? ?            1.668 ? ? 
covale5  covale both ? B LCC 2  "O3'" ? ? ? 1_555 B LCC 3  P  ? ? B LCC 2  B LCC 3  1_555 ? ? ? ? ? ? ?            1.689 ? ? 
covale6  covale both ? B LCC 3  "O3'" ? ? ? 1_555 B G   4  P  ? ? B LCC 3  B G   4  1_555 ? ? ? ? ? ? ?            1.669 ? ? 
hydrog1  hydrog ?    ? A G   4  N1    ? ? ? 1_555 B C   13 N3 ? ? A G   4  B C   13 1_555 ? ? ? ? ? ? WATSON-CRICK ?     ? ? 
hydrog2  hydrog ?    ? A G   4  N2    ? ? ? 1_555 B C   13 O2 ? ? A G   4  B C   13 1_555 ? ? ? ? ? ? WATSON-CRICK ?     ? ? 
hydrog3  hydrog ?    ? A G   4  O6    ? ? ? 1_555 B C   13 N4 ? ? A G   4  B C   13 1_555 ? ? ? ? ? ? WATSON-CRICK ?     ? ? 
hydrog4  hydrog ?    ? A A   5  N1    ? ? ? 1_555 B U   12 N3 ? ? A A   5  B U   12 1_555 ? ? ? ? ? ? WATSON-CRICK ?     ? ? 
hydrog5  hydrog ?    ? A A   5  N6    ? ? ? 1_555 B U   12 O4 ? ? A A   5  B U   12 1_555 ? ? ? ? ? ? WATSON-CRICK ?     ? ? 
hydrog6  hydrog ?    ? A C   6  N3    ? ? ? 1_555 B G   11 N1 ? ? A C   6  B G   11 1_555 ? ? ? ? ? ? WATSON-CRICK ?     ? ? 
hydrog7  hydrog ?    ? A C   6  N4    ? ? ? 1_555 B G   11 O6 ? ? A C   6  B G   11 1_555 ? ? ? ? ? ? WATSON-CRICK ?     ? ? 
hydrog8  hydrog ?    ? A C   6  O2    ? ? ? 1_555 B G   11 N2 ? ? A C   6  B G   11 1_555 ? ? ? ? ? ? WATSON-CRICK ?     ? ? 
hydrog9  hydrog ?    ? A U   7  N3    ? ? ? 1_555 B A   10 N1 ? ? A U   7  B A   10 1_555 ? ? ? ? ? ? WATSON-CRICK ?     ? ? 
hydrog10 hydrog ?    ? A U   7  O4    ? ? ? 1_555 B A   10 N6 ? ? A U   7  B A   10 1_555 ? ? ? ? ? ? WATSON-CRICK ?     ? ? 
hydrog11 hydrog ?    ? A U   8  N3    ? ? ? 1_555 B A   9  N1 ? ? A U   8  B A   9  1_555 ? ? ? ? ? ? WATSON-CRICK ?     ? ? 
hydrog12 hydrog ?    ? A U   8  O4    ? ? ? 1_555 B A   9  N6 ? ? A U   8  B A   9  1_555 ? ? ? ? ? ? WATSON-CRICK ?     ? ? 
hydrog13 hydrog ?    ? A A   9  N1    ? ? ? 1_555 B U   8  N3 ? ? A A   9  B U   8  1_555 ? ? ? ? ? ? WATSON-CRICK ?     ? ? 
hydrog14 hydrog ?    ? A A   9  N6    ? ? ? 1_555 B U   8  O4 ? ? A A   9  B U   8  1_555 ? ? ? ? ? ? WATSON-CRICK ?     ? ? 
hydrog15 hydrog ?    ? A A   10 N1    ? ? ? 1_555 B U   7  N3 ? ? A A   10 B U   7  1_555 ? ? ? ? ? ? WATSON-CRICK ?     ? ? 
hydrog16 hydrog ?    ? A A   10 N6    ? ? ? 1_555 B U   7  O4 ? ? A A   10 B U   7  1_555 ? ? ? ? ? ? WATSON-CRICK ?     ? ? 
hydrog17 hydrog ?    ? A G   11 N1    ? ? ? 1_555 B C   6  N3 ? ? A G   11 B C   6  1_555 ? ? ? ? ? ? WATSON-CRICK ?     ? ? 
hydrog18 hydrog ?    ? A G   11 N2    ? ? ? 1_555 B C   6  O2 ? ? A G   11 B C   6  1_555 ? ? ? ? ? ? WATSON-CRICK ?     ? ? 
hydrog19 hydrog ?    ? A G   11 O6    ? ? ? 1_555 B C   6  N4 ? ? A G   11 B C   6  1_555 ? ? ? ? ? ? WATSON-CRICK ?     ? ? 
hydrog20 hydrog ?    ? A U   12 N3    ? ? ? 1_555 B A   5  N1 ? ? A U   12 B A   5  1_555 ? ? ? ? ? ? WATSON-CRICK ?     ? ? 
hydrog21 hydrog ?    ? A U   12 O4    ? ? ? 1_555 B A   5  N6 ? ? A U   12 B A   5  1_555 ? ? ? ? ? ? WATSON-CRICK ?     ? ? 
hydrog22 hydrog ?    ? A C   13 N3    ? ? ? 1_555 B G   4  N1 ? ? A C   13 B G   4  1_555 ? ? ? ? ? ? WATSON-CRICK ?     ? ? 
hydrog23 hydrog ?    ? A C   13 N4    ? ? ? 1_555 B G   4  O6 ? ? A C   13 B G   4  1_555 ? ? ? ? ? ? WATSON-CRICK ?     ? ? 
hydrog24 hydrog ?    ? A C   13 O2    ? ? ? 1_555 B G   4  N2 ? ? A C   13 B G   4  1_555 ? ? ? ? ? ? WATSON-CRICK ?     ? ? 
# 
loop_
_struct_conn_type.id 
_struct_conn_type.criteria 
_struct_conn_type.reference 
covale ? ? 
hydrog ? ? 
# 
_atom_sites.entry_id                    5UEF 
_atom_sites.fract_transf_matrix[1][1]   0.01581697 
_atom_sites.fract_transf_matrix[1][2]   -0.01955907 
_atom_sites.fract_transf_matrix[1][3]   -0.00823107 
_atom_sites.fract_transf_matrix[2][1]   0.02035737 
_atom_sites.fract_transf_matrix[2][2]   0.00531342 
_atom_sites.fract_transf_matrix[2][3]   -0.01605762 
_atom_sites.fract_transf_matrix[3][1]   0.00701754 
_atom_sites.fract_transf_matrix[3][2]   0.00169492 
_atom_sites.fract_transf_matrix[3][3]   0.00945747 
_atom_sites.fract_transf_vector[1]      -0.153582 
_atom_sites.fract_transf_vector[2]      -0.776529 
_atom_sites.fract_transf_vector[3]      0.251991 
# 
loop_
_atom_type.symbol 
C 
N 
O 
P 
# 
loop_
_atom_site.group_PDB 
_atom_site.id 
_atom_site.type_symbol 
_atom_site.label_atom_id 
_atom_site.label_alt_id 
_atom_site.label_comp_id 
_atom_site.label_asym_id 
_atom_site.label_entity_id 
_atom_site.label_seq_id 
_atom_site.pdbx_PDB_ins_code 
_atom_site.Cartn_x 
_atom_site.Cartn_y 
_atom_site.Cartn_z 
_atom_site.occupancy 
_atom_site.B_iso_or_equiv 
_atom_site.pdbx_formal_charge 
_atom_site.auth_seq_id 
_atom_site.auth_comp_id 
_atom_site.auth_asym_id 
_atom_site.auth_atom_id 
_atom_site.pdbx_PDB_model_num 
HETATM 1   O "O5'" . LCC A 1 1  ? -1.295  -9.871  -18.895 1.00 81.93  ? 1   LCC A "O5'" 1 
HETATM 2   C "C5'" . LCC A 1 1  ? -0.770  -8.655  -18.400 1.00 89.23  ? 1   LCC A "C5'" 1 
HETATM 3   C "C4'" . LCC A 1 1  ? -0.870  -7.729  -19.607 1.00 96.13  ? 1   LCC A "C4'" 1 
HETATM 4   O "O4'" . LCC A 1 1  ? -2.052  -8.021  -20.314 1.00 92.61  ? 1   LCC A "O4'" 1 
HETATM 5   C "C1'" . LCC A 1 1  ? -2.494  -6.693  -20.742 1.00 94.17  ? 1   LCC A "C1'" 1 
HETATM 6   N N1    . LCC A 1 1  ? -3.715  -6.335  -19.964 1.00 94.17  ? 1   LCC A N1    1 
HETATM 7   C C6    . LCC A 1 1  ? -4.351  -7.377  -19.183 1.00 98.33  ? 1   LCC A C6    1 
HETATM 8   C C5    . LCC A 1 1  ? -5.515  -7.108  -18.454 1.00 100.79 ? 1   LCC A C5    1 
HETATM 9   C C5M   . LCC A 1 1  ? -6.145  -8.109  -17.686 1.00 98.98  ? 1   LCC A C5M   1 
HETATM 10  C C4    . LCC A 1 1  ? -6.017  -5.799  -18.539 1.00 104.37 ? 1   LCC A C4    1 
HETATM 11  N N4    . LCC A 1 1  ? -7.126  -5.559  -17.836 1.00 109.41 ? 1   LCC A N4    1 
HETATM 12  N N3    . LCC A 1 1  ? -5.398  -4.834  -19.293 1.00 94.32  ? 1   LCC A N3    1 
HETATM 13  C C2    . LCC A 1 1  ? -4.256  -5.081  -20.003 1.00 87.89  ? 1   LCC A C2    1 
HETATM 14  O O2    . LCC A 1 1  ? -3.745  -4.154  -20.651 1.00 67.76  ? 1   LCC A O2    1 
HETATM 15  C "C3'" . LCC A 1 1  ? -1.035  -6.255  -19.258 1.00 106.10 ? 1   LCC A "C3'" 1 
HETATM 16  C "C2'" . LCC A 1 1  ? -1.311  -5.854  -20.573 1.00 97.56  ? 1   LCC A "C2'" 1 
HETATM 17  O "O2'" . LCC A 1 1  ? -0.130  -6.433  -21.280 1.00 100.30 ? 1   LCC A "O2'" 1 
HETATM 18  O "O3'" . LCC A 1 1  ? 0.259   -6.015  -18.587 1.00 124.47 ? 1   LCC A "O3'" 1 
HETATM 19  C "C6'" . LCC A 1 1  ? 0.270   -7.739  -20.619 1.00 93.67  ? 1   LCC A "C6'" 1 
HETATM 20  O "O5'" . LCC A 1 2  ? 0.306   -4.225  -17.332 1.00 64.53  ? 2   LCC A "O5'" 1 
HETATM 21  C "C5'" . LCC A 1 2  ? 1.206   -3.287  -18.033 1.00 67.08  ? 2   LCC A "C5'" 1 
HETATM 22  C "C4'" . LCC A 1 2  ? 0.363   -2.094  -18.463 1.00 70.58  ? 2   LCC A "C4'" 1 
HETATM 23  O "O4'" . LCC A 1 2  ? -0.888  -2.488  -18.954 1.00 74.23  ? 2   LCC A "O4'" 1 
HETATM 24  C "C1'" . LCC A 1 2  ? -1.747  -1.362  -18.602 1.00 67.21  ? 2   LCC A "C1'" 1 
HETATM 25  N N1    . LCC A 1 2  ? -2.881  -1.876  -17.745 1.00 62.20  ? 2   LCC A N1    1 
HETATM 26  C C6    . LCC A 1 2  ? -2.957  -3.262  -17.311 1.00 57.43  ? 2   LCC A C6    1 
HETATM 27  C C5    . LCC A 1 2  ? -4.073  -3.702  -16.588 1.00 56.96  ? 2   LCC A C5    1 
HETATM 28  C C5M   . LCC A 1 2  ? -4.173  -5.046  -16.114 1.00 53.96  ? 2   LCC A C5M   1 
HETATM 29  C C4    . LCC A 1 2  ? -5.057  -2.725  -16.351 1.00 57.94  ? 2   LCC A C4    1 
HETATM 30  N N4    . LCC A 1 2  ? -6.135  -3.038  -15.664 1.00 59.62  ? 2   LCC A N4    1 
HETATM 31  N N3    . LCC A 1 2  ? -4.952  -1.458  -16.770 1.00 58.59  ? 2   LCC A N3    1 
HETATM 32  C C2    . LCC A 1 2  ? -3.893  -1.011  -17.460 1.00 59.75  ? 2   LCC A C2    1 
HETATM 33  O O2    . LCC A 1 2  ? -3.888  0.192   -17.811 1.00 54.75  ? 2   LCC A O2    1 
HETATM 34  C "C3'" . LCC A 1 2  ? -0.009  -1.303  -17.324 1.00 68.13  ? 2   LCC A "C3'" 1 
HETATM 35  C "C2'" . LCC A 1 2  ? -0.802  -0.334  -18.035 1.00 67.54  ? 2   LCC A "C2'" 1 
HETATM 36  O "O2'" . LCC A 1 2  ? 0.152   0.162   -19.076 1.00 72.73  ? 2   LCC A "O2'" 1 
HETATM 37  O "O3'" . LCC A 1 2  ? 1.105   -0.916  -16.489 1.00 71.77  ? 2   LCC A "O3'" 1 
HETATM 38  C "C6'" . LCC A 1 2  ? 1.019   -1.035  -19.450 1.00 72.87  ? 2   LCC A "C6'" 1 
HETATM 39  P P     . LCC A 1 2  ? 0.800   -5.881  -17.196 1.00 66.59  ? 2   LCC A P     1 
HETATM 40  O O1P   . LCC A 1 2  ? 2.253   -5.741  -16.862 1.00 66.53  ? 2   LCC A O1P   1 
HETATM 41  O O2P   . LCC A 1 2  ? 0.057   -6.655  -16.015 1.00 60.62  ? 2   LCC A O2P   1 
HETATM 42  O "O5'" . LCC A 1 3  ? 0.016   0.506   -14.606 1.00 58.39  ? 3   LCC A "O5'" 1 
HETATM 43  C "C5'" . LCC A 1 3  ? 0.405   1.726   -15.299 1.00 52.16  ? 3   LCC A "C5'" 1 
HETATM 44  C "C4'" . LCC A 1 3  ? -0.741  2.726   -15.150 1.00 54.46  ? 3   LCC A "C4'" 1 
HETATM 45  O "O4'" . LCC A 1 3  ? -2.000  2.422   -15.787 1.00 57.32  ? 3   LCC A "O4'" 1 
HETATM 46  C "C1'" . LCC A 1 3  ? -3.001  3.064   -14.954 1.00 52.71  ? 3   LCC A "C1'" 1 
HETATM 47  N N1    . LCC A 1 3  ? -3.806  1.990   -14.298 1.00 51.67  ? 3   LCC A N1    1 
HETATM 48  C C6    . LCC A 1 3  ? -3.319  0.667   -14.248 1.00 48.57  ? 3   LCC A C6    1 
HETATM 49  C C5    . LCC A 1 3  ? -4.071  -0.330  -13.658 1.00 45.71  ? 3   LCC A C5    1 
HETATM 50  C C5M   . LCC A 1 3  ? -3.488  -1.603  -13.633 1.00 44.92  ? 3   LCC A C5M   1 
HETATM 51  C C4    . LCC A 1 3  ? -5.335  0.017   -13.132 1.00 50.63  ? 3   LCC A C4    1 
HETATM 52  N N4    . LCC A 1 3  ? -6.070  -0.950  -12.560 1.00 51.27  ? 3   LCC A N4    1 
HETATM 53  N N3    . LCC A 1 3  ? -5.798  1.300   -13.196 1.00 49.12  ? 3   LCC A N3    1 
HETATM 54  C C2    . LCC A 1 3  ? -5.027  2.273   -13.769 1.00 52.89  ? 3   LCC A C2    1 
HETATM 55  O O2    . LCC A 1 3  ? -5.456  3.435   -13.808 1.00 53.60  ? 3   LCC A O2    1 
HETATM 56  C "C3'" . LCC A 1 3  ? -1.170  2.878   -13.749 1.00 49.96  ? 3   LCC A "C3'" 1 
HETATM 57  C "C2'" . LCC A 1 3  ? -2.182  3.867   -14.021 1.00 52.39  ? 3   LCC A "C2'" 1 
HETATM 58  O "O2'" . LCC A 1 3  ? -1.403  4.881   -14.768 1.00 51.57  ? 3   LCC A "O2'" 1 
HETATM 59  O "O3'" . LCC A 1 3  ? -0.164  3.427   -12.996 1.00 51.40  ? 3   LCC A "O3'" 1 
HETATM 60  C "C6'" . LCC A 1 3  ? -0.350  4.162   -15.592 1.00 51.62  ? 3   LCC A "C6'" 1 
HETATM 61  P P     . LCC A 1 3  ? 0.963   -0.936  -14.825 1.00 61.21  ? 3   LCC A P     1 
HETATM 62  O O1P   . LCC A 1 3  ? 2.130   -0.799  -13.788 1.00 74.35  ? 3   LCC A O1P   1 
HETATM 63  O O2P   . LCC A 1 3  ? -0.009  -2.084  -14.272 1.00 64.62  ? 3   LCC A O2P   1 
ATOM   64  P P     . G   A 1 4  ? -0.005  3.375   -11.340 1.00 51.07  ? 4   G   A P     1 
ATOM   65  O OP1   . G   A 1 4  ? 1.309   3.986   -10.906 1.00 56.34  ? 4   G   A OP1   1 
ATOM   66  O OP2   . G   A 1 4  ? -0.275  1.894   -11.021 1.00 44.84  ? 4   G   A OP2   1 
ATOM   67  O "O5'" . G   A 1 4  ? -1.234  4.232   -10.801 1.00 44.44  ? 4   G   A "O5'" 1 
ATOM   68  C "C5'" . G   A 1 4  ? -1.252  5.652   -10.893 1.00 42.77  ? 4   G   A "C5'" 1 
ATOM   69  C "C4'" . G   A 1 4  ? -2.608  6.130   -10.431 1.00 41.38  ? 4   G   A "C4'" 1 
ATOM   70  O "O4'" . G   A 1 4  ? -3.646  5.456   -11.191 1.00 42.94  ? 4   G   A "O4'" 1 
ATOM   71  C "C3'" . G   A 1 4  ? -2.951  5.795   -8.996  1.00 41.21  ? 4   G   A "C3'" 1 
ATOM   72  O "O3'" . G   A 1 4  ? -2.385  6.784   -8.176  1.00 42.74  ? 4   G   A "O3'" 1 
ATOM   73  C "C2'" . G   A 1 4  ? -4.462  5.892   -9.009  1.00 40.74  ? 4   G   A "C2'" 1 
ATOM   74  O "O2'" . G   A 1 4  ? -4.885  7.229   -8.932  1.00 43.19  ? 4   G   A "O2'" 1 
ATOM   75  C "C1'" . G   A 1 4  ? -4.776  5.249   -10.355 1.00 43.22  ? 4   G   A "C1'" 1 
ATOM   76  N N9    . G   A 1 4  ? -5.024  3.821   -10.227 1.00 38.10  ? 4   G   A N9    1 
ATOM   77  C C8    . G   A 1 4  ? -4.207  2.763   -10.545 1.00 42.28  ? 4   G   A C8    1 
ATOM   78  N N7    . G   A 1 4  ? -4.745  1.604   -10.274 1.00 41.64  ? 4   G   A N7    1 
ATOM   79  C C5    . G   A 1 4  ? -5.986  1.919   -9.742  1.00 37.27  ? 4   G   A C5    1 
ATOM   80  C C6    . G   A 1 4  ? -7.021  1.080   -9.270  1.00 40.31  ? 4   G   A C6    1 
ATOM   81  O O6    . G   A 1 4  ? -7.051  -0.154  -9.228  1.00 37.28  ? 4   G   A O6    1 
ATOM   82  N N1    . G   A 1 4  ? -8.115  1.816   -8.828  1.00 38.60  ? 4   G   A N1    1 
ATOM   83  C C2    . G   A 1 4  ? -8.186  3.190   -8.804  1.00 41.03  ? 4   G   A C2    1 
ATOM   84  N N2    . G   A 1 4  ? -9.313  3.726   -8.313  1.00 40.19  ? 4   G   A N2    1 
ATOM   85  N N3    . G   A 1 4  ? -7.222  3.981   -9.225  1.00 36.11  ? 4   G   A N3    1 
ATOM   86  C C4    . G   A 1 4  ? -6.169  3.283   -9.699  1.00 40.94  ? 4   G   A C4    1 
ATOM   87  P P     . A   A 1 5  ? -1.648  6.394   -6.846  1.00 47.27  ? 5   A   A P     1 
ATOM   88  O OP1   . A   A 1 5  ? -0.875  7.585   -6.457  1.00 45.42  ? 5   A   A OP1   1 
ATOM   89  O OP2   . A   A 1 5  ? -0.945  5.119   -7.068  1.00 46.72  ? 5   A   A OP2   1 
ATOM   90  O "O5'" . A   A 1 5  ? -2.855  6.185   -5.821  1.00 39.71  ? 5   A   A "O5'" 1 
ATOM   91  C "C5'" . A   A 1 5  ? -3.638  7.336   -5.431  1.00 41.31  ? 5   A   A "C5'" 1 
ATOM   92  C "C4'" . A   A 1 5  ? -5.031  6.957   -4.987  1.00 44.74  ? 5   A   A "C4'" 1 
ATOM   93  O "O4'" . A   A 1 5  ? -5.755  6.223   -6.015  1.00 50.82  ? 5   A   A "O4'" 1 
ATOM   94  C "C3'" . A   A 1 5  ? -5.136  6.039   -3.777  1.00 45.80  ? 5   A   A "C3'" 1 
ATOM   95  O "O3'" . A   A 1 5  ? -4.894  6.773   -2.595  1.00 48.43  ? 5   A   A "O3'" 1 
ATOM   96  C "C2'" . A   A 1 5  ? -6.574  5.575   -3.898  1.00 45.47  ? 5   A   A "C2'" 1 
ATOM   97  O "O2'" . A   A 1 5  ? -7.485  6.576   -3.513  1.00 44.12  ? 5   A   A "O2'" 1 
ATOM   98  C "C1'" . A   A 1 5  ? -6.654  5.310   -5.395  1.00 44.93  ? 5   A   A "C1'" 1 
ATOM   99  N N9    . A   A 1 5  ? -6.210  3.957   -5.693  1.00 47.35  ? 5   A   A N9    1 
ATOM   100 C C8    . A   A 1 5  ? -4.973  3.529   -6.112  1.00 43.62  ? 5   A   A C8    1 
ATOM   101 N N7    . A   A 1 5  ? -4.893  2.232   -6.281  1.00 46.01  ? 5   A   A N7    1 
ATOM   102 C C5    . A   A 1 5  ? -6.160  1.773   -5.948  1.00 43.03  ? 5   A   A C5    1 
ATOM   103 C C6    . A   A 1 5  ? -6.715  0.480   -5.896  1.00 45.12  ? 5   A   A C6    1 
ATOM   104 N N6    . A   A 1 5  ? -6.034  -0.627  -6.208  1.00 43.52  ? 5   A   A N6    1 
ATOM   105 N N1    . A   A 1 5  ? -8.003  0.363   -5.489  1.00 44.21  ? 5   A   A N1    1 
ATOM   106 C C2    . A   A 1 5  ? -8.682  1.480   -5.175  1.00 41.17  ? 5   A   A C2    1 
ATOM   107 N N3    . A   A 1 5  ? -8.261  2.747   -5.166  1.00 46.80  ? 5   A   A N3    1 
ATOM   108 C C4    . A   A 1 5  ? -6.976  2.824   -5.561  1.00 44.91  ? 5   A   A C4    1 
ATOM   109 P P     . C   A 1 6  ? -4.161  6.089   -1.383  1.00 46.92  ? 6   C   A P     1 
ATOM   110 O OP1   . C   A 1 6  ? -3.772  7.132   -0.441  1.00 43.32  ? 6   C   A OP1   1 
ATOM   111 O OP2   . C   A 1 6  ? -3.123  5.171   -1.914  1.00 48.84  ? 6   C   A OP2   1 
ATOM   112 O "O5'" . C   A 1 6  ? -5.313  5.187   -0.740  1.00 46.82  ? 6   C   A "O5'" 1 
ATOM   113 C "C5'" . C   A 1 6  ? -6.529  5.739   -0.251  1.00 45.29  ? 6   C   A "C5'" 1 
ATOM   114 C "C4'" . C   A 1 6  ? -7.568  4.660   -0.082  1.00 44.08  ? 6   C   A "C4'" 1 
ATOM   115 O "O4'" . C   A 1 6  ? -7.820  4.027   -1.355  1.00 43.40  ? 6   C   A "O4'" 1 
ATOM   116 C "C3'" . C   A 1 6  ? -7.229  3.498   0.829   1.00 40.74  ? 6   C   A "C3'" 1 
ATOM   117 O "O3'" . C   A 1 6  ? -7.507  3.796   2.181   1.00 43.38  ? 6   C   A "O3'" 1 
ATOM   118 C "C2'" . C   A 1 6  ? -8.225  2.464   0.354   1.00 44.55  ? 6   C   A "C2'" 1 
ATOM   119 O "O2'" . C   A 1 6  ? -9.525  2.714   0.821   1.00 46.42  ? 6   C   A "O2'" 1 
ATOM   120 C "C1'" . C   A 1 6  ? -8.153  2.667   -1.151  1.00 44.29  ? 6   C   A "C1'" 1 
ATOM   121 N N1    . C   A 1 6  ? -7.118  1.837   -1.779  1.00 42.77  ? 6   C   A N1    1 
ATOM   122 C C2    . C   A 1 6  ? -7.415  0.507   -2.101  1.00 45.29  ? 6   C   A C2    1 
ATOM   123 O O2    . C   A 1 6  ? -8.543  0.065   -1.835  1.00 40.46  ? 6   C   A O2    1 
ATOM   124 N N3    . C   A 1 6  ? -6.461  -0.263  -2.682  1.00 38.20  ? 6   C   A N3    1 
ATOM   125 C C4    . C   A 1 6  ? -5.260  0.256   -2.947  1.00 40.11  ? 6   C   A C4    1 
ATOM   126 N N4    . C   A 1 6  ? -4.354  -0.524  -3.533  1.00 41.36  ? 6   C   A N4    1 
ATOM   127 C C5    . C   A 1 6  ? -4.942  1.614   -2.650  1.00 44.24  ? 6   C   A C5    1 
ATOM   128 C C6    . C   A 1 6  ? -5.890  2.361   -2.077  1.00 42.59  ? 6   C   A C6    1 
ATOM   129 P P     . U   A 1 7  ? -6.605  3.178   3.342   1.00 43.41  ? 7   U   A P     1 
ATOM   130 O OP1   . U   A 1 7  ? -6.776  4.000   4.534   1.00 43.12  ? 7   U   A OP1   1 
ATOM   131 O OP2   . U   A 1 7  ? -5.261  2.957   2.786   1.00 43.63  ? 7   U   A OP2   1 
ATOM   132 O "O5'" . U   A 1 7  ? -7.248  1.733   3.597   1.00 39.10  ? 7   U   A "O5'" 1 
ATOM   133 C "C5'" . U   A 1 7  ? -8.620  1.563   3.923   1.00 43.10  ? 7   U   A "C5'" 1 
ATOM   134 C "C4'" . U   A 1 7  ? -9.057  0.130   3.713   1.00 43.63  ? 7   U   A "C4'" 1 
ATOM   135 O "O4'" . U   A 1 7  ? -8.966  -0.254  2.313   1.00 41.39  ? 7   U   A "O4'" 1 
ATOM   136 C "C3'" . U   A 1 7  ? -8.243  -0.935  4.409   1.00 40.79  ? 7   U   A "C3'" 1 
ATOM   137 O "O3'" . U   A 1 7  ? -8.564  -1.072  5.769   1.00 40.55  ? 7   U   A "O3'" 1 
ATOM   138 C "C2'" . U   A 1 7  ? -8.660  -2.178  3.644   1.00 43.13  ? 7   U   A "C2'" 1 
ATOM   139 O "O2'" . U   A 1 7  ? -9.953  -2.650  3.945   1.00 40.67  ? 7   U   A "O2'" 1 
ATOM   140 C "C1'" . U   A 1 7  ? -8.644  -1.637  2.219   1.00 40.65  ? 7   U   A "C1'" 1 
ATOM   141 N N1    . U   A 1 7  ? -7.373  -1.794  1.483   1.00 41.04  ? 7   U   A N1    1 
ATOM   142 C C2    . U   A 1 7  ? -7.058  -3.060  1.010   1.00 46.01  ? 7   U   A C2    1 
ATOM   143 O O2    . U   A 1 7  ? -7.735  -4.043  1.248   1.00 44.38  ? 7   U   A O2    1 
ATOM   144 N N3    . U   A 1 7  ? -5.906  -3.132  0.261   1.00 42.35  ? 7   U   A N3    1 
ATOM   145 C C4    . U   A 1 7  ? -5.046  -2.099  -0.052  1.00 38.22  ? 7   U   A C4    1 
ATOM   146 O O4    . U   A 1 7  ? -4.055  -2.322  -0.748  1.00 32.76  ? 7   U   A O4    1 
ATOM   147 C C5    . U   A 1 7  ? -5.437  -0.822  0.472   1.00 39.46  ? 7   U   A C5    1 
ATOM   148 C C6    . U   A 1 7  ? -6.560  -0.714  1.201   1.00 37.31  ? 7   U   A C6    1 
ATOM   149 P P     . U   A 1 8  ? -7.385  -1.104  6.816   1.00 41.88  ? 8   U   A P     1 
ATOM   150 O OP1   . U   A 1 8  ? -7.974  -0.902  8.144   1.00 41.93  ? 8   U   A OP1   1 
ATOM   151 O OP2   . U   A 1 8  ? -6.282  -0.256  6.311   1.00 42.16  ? 8   U   A OP2   1 
ATOM   152 O "O5'" . U   A 1 8  ? -6.861  -2.601  6.729   1.00 37.64  ? 8   U   A "O5'" 1 
ATOM   153 C "C5'" . U   A 1 8  ? -7.807  -3.615  7.051   1.00 37.24  ? 8   U   A "C5'" 1 
ATOM   154 C "C4'" . U   A 1 8  ? -7.271  -4.970  6.723   1.00 36.59  ? 8   U   A "C4'" 1 
ATOM   155 O "O4'" . U   A 1 8  ? -7.323  -5.184  5.298   1.00 38.01  ? 8   U   A "O4'" 1 
ATOM   156 C "C3'" . U   A 1 8  ? -5.830  -5.252  7.082   1.00 35.57  ? 8   U   A "C3'" 1 
ATOM   157 O "O3'" . U   A 1 8  ? -5.716  -5.530  8.459   1.00 34.36  ? 8   U   A "O3'" 1 
ATOM   158 C "C2'" . U   A 1 8  ? -5.575  -6.457  6.214   1.00 40.07  ? 8   U   A "C2'" 1 
ATOM   159 O "O2'" . U   A 1 8  ? -6.246  -7.626  6.613   1.00 45.90  ? 8   U   A "O2'" 1 
ATOM   160 C "C1'" . U   A 1 8  ? -6.261  -6.019  4.926   1.00 38.09  ? 8   U   A "C1'" 1 
ATOM   161 N N1    . U   A 1 8  ? -5.342  -5.253  4.088   1.00 38.85  ? 8   U   A N1    1 
ATOM   162 C C2    . U   A 1 8  ? -4.459  -5.991  3.338   1.00 39.02  ? 8   U   A C2    1 
ATOM   163 O O2    . U   A 1 8  ? -4.422  -7.207  3.372   1.00 43.09  ? 8   U   A O2    1 
ATOM   164 N N3    . U   A 1 8  ? -3.614  -5.253  2.556   1.00 36.64  ? 8   U   A N3    1 
ATOM   165 C C4    . U   A 1 8  ? -3.514  -3.884  2.497   1.00 39.32  ? 8   U   A C4    1 
ATOM   166 O O4    . U   A 1 8  ? -2.679  -3.369  1.752   1.00 44.73  ? 8   U   A O4    1 
ATOM   167 C C5    . U   A 1 8  ? -4.456  -3.185  3.314   1.00 37.64  ? 8   U   A C5    1 
ATOM   168 C C6    . U   A 1 8  ? -5.305  -3.876  4.079   1.00 38.02  ? 8   U   A C6    1 
ATOM   169 P P     . A   A 1 9  ? -4.338  -5.304  9.217   1.00 39.23  ? 9   A   A P     1 
ATOM   170 O OP1   . A   A 1 9  ? -4.534  -5.768  10.625  1.00 41.48  ? 9   A   A OP1   1 
ATOM   171 O OP2   . A   A 1 9  ? -3.848  -3.949  8.903   1.00 40.59  ? 9   A   A OP2   1 
ATOM   172 O "O5'" . A   A 1 9  ? -3.345  -6.313  8.504   1.00 38.87  ? 9   A   A "O5'" 1 
ATOM   173 C "C5'" . A   A 1 9  ? -3.257  -7.652  8.996   1.00 39.64  ? 9   A   A "C5'" 1 
ATOM   174 C "C4'" . A   A 1 9  ? -2.432  -8.493  8.071   1.00 39.91  ? 9   A   A "C4'" 1 
ATOM   175 O "O4'" . A   A 1 9  ? -2.758  -8.208  6.684   1.00 38.16  ? 9   A   A "O4'" 1 
ATOM   176 C "C3'" . A   A 1 9  ? -0.933  -8.261  8.125   1.00 37.54  ? 9   A   A "C3'" 1 
ATOM   177 O "O3'" . A   A 1 9  ? -0.348  -8.996  9.173   1.00 37.61  ? 9   A   A "O3'" 1 
ATOM   178 C "C2'" . A   A 1 9  ? -0.495  -8.883  6.818   1.00 37.33  ? 9   A   A "C2'" 1 
ATOM   179 O "O2'" . A   A 1 9  ? -0.498  -10.285 6.952   1.00 34.50  ? 9   A   A "O2'" 1 
ATOM   180 C "C1'" . A   A 1 9  ? -1.600  -8.398  5.892   1.00 35.24  ? 9   A   A "C1'" 1 
ATOM   181 N N9    . A   A 1 9  ? -1.273  -7.138  5.242   1.00 37.86  ? 9   A   A N9    1 
ATOM   182 C C8    . A   A 1 9  ? -1.771  -5.877  5.468   1.00 37.37  ? 9   A   A C8    1 
ATOM   183 N N7    . A   A 1 9  ? -1.262  -4.961  4.681   1.00 38.42  ? 9   A   A N7    1 
ATOM   184 C C5    . A   A 1 9  ? -0.405  -5.672  3.854   1.00 39.56  ? 9   A   A C5    1 
ATOM   185 C C6    . A   A 1 9  ? 0.408   -5.286  2.777   1.00 35.69  ? 9   A   A C6    1 
ATOM   186 N N6    . A   A 1 9  ? 0.506   -4.033  2.341   1.00 39.01  ? 9   A   A N6    1 
ATOM   187 N N1    . A   A 1 9  ? 1.159   -6.236  2.182   1.00 35.61  ? 9   A   A N1    1 
ATOM   188 C C2    . A   A 1 9  ? 1.070   -7.493  2.628   1.00 36.84  ? 9   A   A C2    1 
ATOM   189 N N3    . A   A 1 9  ? 0.330   -7.983  3.619   1.00 37.95  ? 9   A   A N3    1 
ATOM   190 C C4    . A   A 1 9  ? -0.391  -7.011  4.198   1.00 36.67  ? 9   A   A C4    1 
ATOM   191 P P     . A   A 1 10 ? 0.783   -8.335  10.046  1.00 41.20  ? 10  A   A P     1 
ATOM   192 O OP1   . A   A 1 10 ? 0.727   -8.970  11.374  1.00 42.40  ? 10  A   A OP1   1 
ATOM   193 O OP2   . A   A 1 10 ? 0.627   -6.890  9.956   1.00 34.48  ? 10  A   A OP2   1 
ATOM   194 O "O5'" . A   A 1 10 ? 2.113   -8.755  9.276   1.00 38.36  ? 10  A   A "O5'" 1 
ATOM   195 C "C5'" . A   A 1 10 ? 2.359   -10.135 8.982   1.00 38.89  ? 10  A   A "C5'" 1 
ATOM   196 C "C4'" . A   A 1 10 ? 3.404   -10.266 7.905   1.00 41.13  ? 10  A   A "C4'" 1 
ATOM   197 O "O4'" . A   A 1 10 ? 2.853   -9.943  6.602   1.00 40.65  ? 10  A   A "O4'" 1 
ATOM   198 C "C3'" . A   A 1 10 ? 4.618   -9.364  8.008   1.00 38.93  ? 10  A   A "C3'" 1 
ATOM   199 O "O3'" . A   A 1 10 ? 5.498   -9.866  8.997   1.00 44.84  ? 10  A   A "O3'" 1 
ATOM   200 C "C2'" . A   A 1 10 ? 5.152   -9.437  6.590   1.00 38.85  ? 10  A   A "C2'" 1 
ATOM   201 O "O2'" . A   A 1 10 ? 5.862   -10.641 6.395   1.00 41.13  ? 10  A   A "O2'" 1 
ATOM   202 C "C1'" . A   A 1 10 ? 3.847   -9.338  5.800   1.00 37.04  ? 10  A   A "C1'" 1 
ATOM   203 N N9    . A   A 1 10 ? 3.471   -7.940  5.611   1.00 38.92  ? 10  A   A N9    1 
ATOM   204 C C8    . A   A 1 10 ? 2.629   -7.159  6.372   1.00 39.02  ? 10  A   A C8    1 
ATOM   205 N N7    . A   A 1 10 ? 2.546   -5.919  5.962   1.00 35.96  ? 10  A   A N7    1 
ATOM   206 C C5    . A   A 1 10 ? 3.380   -5.880  4.854   1.00 37.95  ? 10  A   A C5    1 
ATOM   207 C C6    . A   A 1 10 ? 3.737   -4.844  3.981   1.00 39.65  ? 10  A   A C6    1 
ATOM   208 N N6    . A   A 1 10 ? 3.250   -3.608  4.067   1.00 40.24  ? 10  A   A N6    1 
ATOM   209 N N1    . A   A 1 10 ? 4.608   -5.131  2.988   1.00 41.81  ? 10  A   A N1    1 
ATOM   210 C C2    . A   A 1 10 ? 5.103   -6.376  2.906   1.00 42.17  ? 10  A   A C2    1 
ATOM   211 N N3    . A   A 1 10 ? 4.846   -7.433  3.672   1.00 37.88  ? 10  A   A N3    1 
ATOM   212 C C4    . A   A 1 10 ? 3.972   -7.113  4.640   1.00 38.55  ? 10  A   A C4    1 
ATOM   213 P P     . G   A 1 11 ? 6.519   -8.871  9.731   1.00 45.81  ? 11  G   A P     1 
ATOM   214 O OP1   . G   A 1 11 ? 7.240   -9.619  10.768  1.00 47.26  ? 11  G   A OP1   1 
ATOM   215 O OP2   . G   A 1 11 ? 5.799   -7.617  10.054  1.00 53.30  ? 11  G   A OP2   1 
ATOM   216 O "O5'" . G   A 1 11 ? 7.453   -8.363  8.549   1.00 48.16  ? 11  G   A "O5'" 1 
ATOM   217 C "C5'" . G   A 1 11 ? 8.506   -9.170  8.064   1.00 50.34  ? 11  G   A "C5'" 1 
ATOM   218 C "C4'" . G   A 1 11 ? 9.156   -8.449  6.926   1.00 48.59  ? 11  G   A "C4'" 1 
ATOM   219 O "O4'" . G   A 1 11 ? 8.121   -7.998  6.028   1.00 49.07  ? 11  G   A "O4'" 1 
ATOM   220 C "C3'" . G   A 1 11 ? 9.874   -7.148  7.234   1.00 48.12  ? 11  G   A "C3'" 1 
ATOM   221 O "O3'" . G   A 1 11 ? 11.166  -7.330  7.769   1.00 51.49  ? 11  G   A "O3'" 1 
ATOM   222 C "C2'" . G   A 1 11 ? 9.986   -6.581  5.837   1.00 47.26  ? 11  G   A "C2'" 1 
ATOM   223 O "O2'" . G   A 1 11 ? 10.901  -7.328  5.055   1.00 43.52  ? 11  G   A "O2'" 1 
ATOM   224 C "C1'" . G   A 1 11 ? 8.572   -6.852  5.331   1.00 47.57  ? 11  G   A "C1'" 1 
ATOM   225 N N9    . G   A 1 11 ? 7.650   -5.757  5.591   1.00 45.50  ? 11  G   A N9    1 
ATOM   226 C C8    . G   A 1 11 ? 6.689   -5.676  6.568   1.00 45.73  ? 11  G   A C8    1 
ATOM   227 N N7    . G   A 1 11 ? 6.031   -4.549  6.547   1.00 44.59  ? 11  G   A N7    1 
ATOM   228 C C5    . G   A 1 11 ? 6.580   -3.851  5.482   1.00 43.05  ? 11  G   A C5    1 
ATOM   229 C C6    . G   A 1 11 ? 6.259   -2.567  4.957   1.00 43.53  ? 11  G   A C6    1 
ATOM   230 O O6    . G   A 1 11 ? 5.408   -1.766  5.349   1.00 43.77  ? 11  G   A O6    1 
ATOM   231 N N1    . G   A 1 11 ? 7.064   -2.241  3.872   1.00 40.63  ? 11  G   A N1    1 
ATOM   232 C C2    . G   A 1 11 ? 8.060   -3.043  3.361   1.00 44.29  ? 11  G   A C2    1 
ATOM   233 N N2    . G   A 1 11 ? 8.728   -2.560  2.307   1.00 39.22  ? 11  G   A N2    1 
ATOM   234 N N3    . G   A 1 11 ? 8.354   -4.248  3.829   1.00 43.49  ? 11  G   A N3    1 
ATOM   235 C C4    . G   A 1 11 ? 7.585   -4.581  4.885   1.00 44.21  ? 11  G   A C4    1 
ATOM   236 P P     . U   A 1 12 ? 11.899  -6.136  8.530   1.00 53.70  ? 12  U   A P     1 
ATOM   237 O OP1   . U   A 1 12 ? 13.133  -6.686  9.165   1.00 52.99  ? 12  U   A OP1   1 
ATOM   238 O OP2   . U   A 1 12 ? 10.892  -5.434  9.364   1.00 51.06  ? 12  U   A OP2   1 
ATOM   239 O "O5'" . U   A 1 12 ? 12.330  -5.166  7.345   1.00 49.02  ? 12  U   A "O5'" 1 
ATOM   240 C "C5'" . U   A 1 12 ? 13.387  -5.500  6.434   1.00 50.22  ? 12  U   A "C5'" 1 
ATOM   241 C "C4'" . U   A 1 12 ? 13.580  -4.358  5.479   1.00 45.22  ? 12  U   A "C4'" 1 
ATOM   242 O "O4'" . U   A 1 12 ? 12.324  -4.087  4.803   1.00 46.19  ? 12  U   A "O4'" 1 
ATOM   243 C "C3'" . U   A 1 12 ? 13.903  -3.033  6.132   1.00 45.55  ? 12  U   A "C3'" 1 
ATOM   244 O "O3'" . U   A 1 12 ? 15.269  -2.856  6.377   1.00 48.90  ? 12  U   A "O3'" 1 
ATOM   245 C "C2'" . U   A 1 12 ? 13.491  -2.068  5.054   1.00 44.36  ? 12  U   A "C2'" 1 
ATOM   246 O "O2'" . U   A 1 12 ? 14.388  -2.166  3.983   1.00 41.74  ? 12  U   A "O2'" 1 
ATOM   247 C "C1'" . U   A 1 12 ? 12.170  -2.687  4.629   1.00 46.65  ? 12  U   A "C1'" 1 
ATOM   248 N N1    . U   A 1 12 ? 10.991  -2.213  5.384   1.00 48.66  ? 12  U   A N1    1 
ATOM   249 C C2    . U   A 1 12 ? 10.522  -0.947  5.084   1.00 50.42  ? 12  U   A C2    1 
ATOM   250 O O2    . U   A 1 12 ? 11.066  -0.216  4.280   1.00 50.25  ? 12  U   A O2    1 
ATOM   251 N N3    . U   A 1 12 ? 9.401   -0.565  5.775   1.00 46.17  ? 12  U   A N3    1 
ATOM   252 C C4    . U   A 1 12 ? 8.710   -1.300  6.706   1.00 45.08  ? 12  U   A C4    1 
ATOM   253 O O4    . U   A 1 12 ? 7.709   -0.824  7.229   1.00 39.41  ? 12  U   A O4    1 
ATOM   254 C C5    . U   A 1 12 ? 9.256   -2.593  6.966   1.00 49.40  ? 12  U   A C5    1 
ATOM   255 C C6    . U   A 1 12 ? 10.346  -2.999  6.307   1.00 47.04  ? 12  U   A C6    1 
ATOM   256 P P     . C   A 1 13 ? 15.717  -1.973  7.597   1.00 51.18  ? 13  C   A P     1 
ATOM   257 O OP1   . C   A 1 13 ? 17.048  -2.428  7.974   1.00 51.84  ? 13  C   A OP1   1 
ATOM   258 O OP2   . C   A 1 13 ? 14.624  -1.948  8.603   1.00 49.81  ? 13  C   A OP2   1 
ATOM   259 O "O5'" . C   A 1 13 ? 15.744  -0.487  7.032   1.00 46.93  ? 13  C   A "O5'" 1 
ATOM   260 C "C5'" . C   A 1 13 ? 16.318  -0.167  5.768   1.00 46.87  ? 13  C   A "C5'" 1 
ATOM   261 C "C4'" . C   A 1 13 ? 15.736  1.134   5.259   1.00 45.42  ? 13  C   A "C4'" 1 
ATOM   262 O "O4'" . C   A 1 13 ? 14.351  0.942   4.889   1.00 45.71  ? 13  C   A "O4'" 1 
ATOM   263 C "C3'" . C   A 1 13 ? 15.668  2.293   6.237   1.00 45.19  ? 13  C   A "C3'" 1 
ATOM   264 O "O3'" . C   A 1 13 ? 16.819  3.094   6.247   1.00 48.20  ? 13  C   A "O3'" 1 
ATOM   265 C "C2'" . C   A 1 13 ? 14.638  3.183   5.583   1.00 43.01  ? 13  C   A "C2'" 1 
ATOM   266 O "O2'" . C   A 1 13 ? 15.200  3.844   4.472   1.00 41.67  ? 13  C   A "O2'" 1 
ATOM   267 C "C1'" . C   A 1 13 ? 13.631  2.140   5.130   1.00 44.66  ? 13  C   A "C1'" 1 
ATOM   268 N N1    . C   A 1 13 ? 12.613  1.902   6.154   1.00 42.81  ? 13  C   A N1    1 
ATOM   269 C C2    . C   A 1 13 ? 11.592  2.852   6.286   1.00 47.77  ? 13  C   A C2    1 
ATOM   270 O O2    . C   A 1 13 ? 11.585  3.839   5.531   1.00 43.99  ? 13  C   A O2    1 
ATOM   271 N N3    . C   A 1 13 ? 10.627  2.662   7.211   1.00 47.20  ? 13  C   A N3    1 
ATOM   272 C C4    . C   A 1 13 ? 10.671  1.595   8.008   1.00 45.23  ? 13  C   A C4    1 
ATOM   273 N N4    . C   A 1 13 ? 9.716   1.470   8.928   1.00 44.52  ? 13  C   A N4    1 
ATOM   274 C C5    . C   A 1 13 ? 11.707  0.617   7.905   1.00 43.60  ? 13  C   A C5    1 
ATOM   275 C C6    . C   A 1 13 ? 12.652  0.813   6.978   1.00 41.67  ? 13  C   A C6    1 
ATOM   276 P P     . G   A 1 14 ? 17.330  3.706   7.610   1.00 49.50  ? 14  G   A P     1 
ATOM   277 O OP1   . G   A 1 14 ? 18.700  4.189   7.364   1.00 51.37  ? 14  G   A OP1   1 
ATOM   278 O OP2   . G   A 1 14 ? 17.038  2.728   8.672   1.00 50.47  ? 14  G   A OP2   1 
ATOM   279 O "O5'" . G   A 1 14 ? 16.388  4.965   7.870   1.00 46.88  ? 14  G   A "O5'" 1 
ATOM   280 C "C5'" . G   A 1 14 ? 16.513  6.126   7.046   1.00 47.07  ? 14  G   A "C5'" 1 
ATOM   281 C "C4'" . G   A 1 14 ? 15.376  7.061   7.316   1.00 45.21  ? 14  G   A "C4'" 1 
ATOM   282 O "O4'" . G   A 1 14 ? 14.121  6.376   7.072   1.00 50.53  ? 14  G   A "O4'" 1 
ATOM   283 C "C3'" . G   A 1 14 ? 15.216  7.506   8.754   1.00 46.80  ? 14  G   A "C3'" 1 
ATOM   284 O "O3'" . G   A 1 14 ? 16.119  8.538   9.087   1.00 52.28  ? 14  G   A "O3'" 1 
ATOM   285 C "C2'" . G   A 1 14 ? 13.789  8.027   8.740   1.00 46.98  ? 14  G   A "C2'" 1 
ATOM   286 O "O2'" . G   A 1 14 ? 13.763  9.306   8.143   1.00 46.53  ? 14  G   A "O2'" 1 
ATOM   287 C "C1'" . G   A 1 14 ? 13.105  6.995   7.848   1.00 46.45  ? 14  G   A "C1'" 1 
ATOM   288 N N9    . G   A 1 14 ? 12.381  5.971   8.592   1.00 43.42  ? 14  G   A N9    1 
ATOM   289 C C8    . G   A 1 14 ? 12.790  4.695   8.903   1.00 43.79  ? 14  G   A C8    1 
ATOM   290 N N7    . G   A 1 14 ? 11.893  4.019   9.570   1.00 41.03  ? 14  G   A N7    1 
ATOM   291 C C5    . G   A 1 14 ? 10.832  4.901   9.711   1.00 43.12  ? 14  G   A C5    1 
ATOM   292 C C6    . G   A 1 14 ? 9.574   4.736   10.348  1.00 42.43  ? 14  G   A C6    1 
ATOM   293 O O6    . G   A 1 14 ? 9.131   3.746   10.933  1.00 42.84  ? 14  G   A O6    1 
ATOM   294 N N1    . G   A 1 14 ? 8.797   5.886   10.251  1.00 42.69  ? 14  G   A N1    1 
ATOM   295 C C2    . G   A 1 14 ? 9.188   7.053   9.639   1.00 43.45  ? 14  G   A C2    1 
ATOM   296 N N2    . G   A 1 14 ? 8.302   8.058   9.651   1.00 43.97  ? 14  G   A N2    1 
ATOM   297 N N3    . G   A 1 14 ? 10.358  7.222   9.053   1.00 42.67  ? 14  G   A N3    1 
ATOM   298 C C4    . G   A 1 14 ? 11.124  6.115   9.125   1.00 42.90  ? 14  G   A C4    1 
HETATM 299 O "O5'" . LCC B 1 1  ? -0.234  0.711   22.185  1.00 65.32  ? 1   LCC B "O5'" 1 
HETATM 300 C "C5'" . LCC B 1 1  ? -1.065  1.761   22.711  1.00 59.20  ? 1   LCC B "C5'" 1 
HETATM 301 C "C4'" . LCC B 1 1  ? -0.325  2.986   22.289  1.00 57.82  ? 1   LCC B "C4'" 1 
HETATM 302 O "O4'" . LCC B 1 1  ? 1.082   2.923   22.607  1.00 57.71  ? 1   LCC B "O4'" 1 
HETATM 303 C "C1'" . LCC B 1 1  ? 1.614   3.949   21.806  1.00 52.97  ? 1   LCC B "C1'" 1 
HETATM 304 N N1    . LCC B 1 1  ? 2.804   3.420   21.141  1.00 49.16  ? 1   LCC B N1    1 
HETATM 305 C C6    . LCC B 1 1  ? 3.146   2.071   21.188  1.00 47.16  ? 1   LCC B C6    1 
HETATM 306 C C5    . LCC B 1 1  ? 4.312   1.687   20.564  1.00 46.39  ? 1   LCC B C5    1 
HETATM 307 C C5M   . LCC B 1 1  ? 4.700   0.356   20.525  1.00 53.64  ? 1   LCC B C5M   1 
HETATM 308 C C4    . LCC B 1 1  ? 5.098   2.657   19.948  1.00 51.78  ? 1   LCC B C4    1 
HETATM 309 N N4    . LCC B 1 1  ? 6.217   2.255   19.362  1.00 51.29  ? 1   LCC B N4    1 
HETATM 310 N N3    . LCC B 1 1  ? 4.745   3.954   19.936  1.00 47.62  ? 1   LCC B N3    1 
HETATM 311 C C2    . LCC B 1 1  ? 3.608   4.316   20.535  1.00 48.62  ? 1   LCC B C2    1 
HETATM 312 O O2    . LCC B 1 1  ? 3.295   5.506   20.503  1.00 42.70  ? 1   LCC B O2    1 
HETATM 313 C "C3'" . LCC B 1 1  ? -0.281  3.172   20.862  1.00 59.56  ? 1   LCC B "C3'" 1 
HETATM 314 C "C2'" . LCC B 1 1  ? 0.475   4.377   20.932  1.00 54.61  ? 1   LCC B "C2'" 1 
HETATM 315 O "O2'" . LCC B 1 1  ? -0.473  5.165   21.714  1.00 58.31  ? 1   LCC B "O2'" 1 
HETATM 316 O "O3'" . LCC B 1 1  ? -1.462  3.282   20.018  1.00 62.01  ? 1   LCC B "O3'" 1 
HETATM 317 C "C6'" . LCC B 1 1  ? -1.000  4.283   22.795  1.00 60.47  ? 1   LCC B "C6'" 1 
HETATM 318 O "O5'" . LCC B 1 2  ? -0.776  4.167   17.820  1.00 49.51  ? 2   LCC B "O5'" 1 
HETATM 319 C "C5'" . LCC B 1 2  ? -1.394  5.494   17.924  1.00 48.96  ? 2   LCC B "C5'" 1 
HETATM 320 C "C4'" . LCC B 1 2  ? -0.325  6.480   17.436  1.00 51.13  ? 2   LCC B "C4'" 1 
HETATM 321 O "O4'" . LCC B 1 2  ? 0.878   6.239   18.033  1.00 47.63  ? 2   LCC B "O4'" 1 
HETATM 322 C "C1'" . LCC B 1 2  ? 1.819   6.875   17.229  1.00 47.00  ? 2   LCC B "C1'" 1 
HETATM 323 N N1    . LCC B 1 2  ? 2.784   5.818   16.907  1.00 42.43  ? 2   LCC B N1    1 
HETATM 324 C C6    . LCC B 1 2  ? 2.505   4.455   17.129  1.00 41.47  ? 2   LCC B C6    1 
HETATM 325 C C5    . LCC B 1 2  ? 3.473   3.520   16.847  1.00 39.89  ? 2   LCC B C5    1 
HETATM 326 C C5M   . LCC B 1 2  ? 3.176   2.145   17.078  1.00 42.22  ? 2   LCC B C5M   1 
HETATM 327 C C4    . LCC B 1 2  ? 4.678   4.027   16.352  1.00 41.70  ? 2   LCC B C4    1 
HETATM 328 N N4    . LCC B 1 2  ? 5.633   3.190   16.061  1.00 44.68  ? 2   LCC B N4    1 
HETATM 329 N N3    . LCC B 1 2  ? 4.931   5.338   16.133  1.00 40.36  ? 2   LCC B N3    1 
HETATM 330 C C2    . LCC B 1 2  ? 3.973   6.229   16.424  1.00 46.70  ? 2   LCC B C2    1 
HETATM 331 O O2    . LCC B 1 2  ? 4.190   7.436   16.211  1.00 46.41  ? 2   LCC B O2    1 
HETATM 332 C "C3'" . LCC B 1 2  ? 0.057   6.324   16.052  1.00 51.24  ? 2   LCC B "C3'" 1 
HETATM 333 C "C2'" . LCC B 1 2  ? 1.055   7.369   16.099  1.00 49.26  ? 2   LCC B "C2'" 1 
HETATM 334 O "O2'" . LCC B 1 2  ? 0.290   8.506   16.516  1.00 52.23  ? 2   LCC B "O2'" 1 
HETATM 335 O "O3'" . LCC B 1 2  ? -0.806  6.517   14.930  1.00 56.64  ? 2   LCC B "O3'" 1 
HETATM 336 C "C6'" . LCC B 1 2  ? -0.691  8.004   17.561  1.00 52.73  ? 2   LCC B "C6'" 1 
HETATM 337 P P     . LCC B 1 2  ? -1.819  2.965   18.419  1.00 50.00  ? 2   LCC B P     1 
HETATM 338 O O1P   . LCC B 1 2  ? -0.854  1.654   17.880  1.00 48.40  ? 2   LCC B O1P   1 
HETATM 339 O O2P   . LCC B 1 2  ? -3.350  3.215   18.085  1.00 45.55  ? 2   LCC B O2P   1 
HETATM 340 O "O5'" . LCC B 1 3  ? 0.187   6.747   13.190  1.00 42.59  ? 3   LCC B "O5'" 1 
HETATM 341 C "C5'" . LCC B 1 3  ? -0.075  8.124   12.839  1.00 45.35  ? 3   LCC B "C5'" 1 
HETATM 342 C "C4'" . LCC B 1 3  ? 1.228   8.739   12.333  1.00 41.86  ? 3   LCC B "C4'" 1 
HETATM 343 O "O4'" . LCC B 1 3  ? 2.346   8.471   13.102  1.00 44.32  ? 3   LCC B "O4'" 1 
HETATM 344 C "C1'" . LCC B 1 3  ? 3.473   8.651   12.217  1.00 38.46  ? 3   LCC B "C1'" 1 
HETATM 345 N N1    . LCC B 1 3  ? 4.158   7.365   12.161  1.00 39.36  ? 3   LCC B N1    1 
HETATM 346 C C6    . LCC B 1 3  ? 3.572   6.173   12.689  1.00 36.13  ? 3   LCC B C6    1 
HETATM 347 C C5    . LCC B 1 3  ? 4.273   4.992   12.613  1.00 38.94  ? 3   LCC B C5    1 
HETATM 348 C C5M   . LCC B 1 3  ? 3.673   3.832   13.102  1.00 40.52  ? 3   LCC B C5M   1 
HETATM 349 C C4    . LCC B 1 3  ? 5.538   5.010   12.001  1.00 39.04  ? 3   LCC B C4    1 
HETATM 350 N N4    . LCC B 1 3  ? 6.284   3.884   11.903  1.00 42.26  ? 3   LCC B N4    1 
HETATM 351 N N3    . LCC B 1 3  ? 6.047   6.150   11.548  1.00 37.73  ? 3   LCC B N3    1 
HETATM 352 C C2    . LCC B 1 3  ? 5.382   7.306   11.595  1.00 39.90  ? 3   LCC B C2    1 
HETATM 353 O O2    . LCC B 1 3  ? 5.935   8.292   11.105  1.00 34.80  ? 3   LCC B O2    1 
HETATM 354 C "C3'" . LCC B 1 3  ? 1.612   8.231   11.045  1.00 41.27  ? 3   LCC B "C3'" 1 
HETATM 355 C "C2'" . LCC B 1 3  ? 2.819   9.027   10.941  1.00 40.38  ? 3   LCC B "C2'" 1 
HETATM 356 O "O2'" . LCC B 1 3  ? 2.231   10.356  11.047  1.00 43.19  ? 3   LCC B "O2'" 1 
HETATM 357 O "O3'" . LCC B 1 3  ? 0.655   8.579   10.017  1.00 44.11  ? 3   LCC B "O3'" 1 
HETATM 358 C "C6'" . LCC B 1 3  ? 1.168   10.278  12.101  1.00 42.09  ? 3   LCC B "C6'" 1 
HETATM 359 P P     . LCC B 1 3  ? -0.951  5.635   13.497  1.00 45.61  ? 3   LCC B P     1 
HETATM 360 O O1P   . LCC B 1 3  ? -0.159  4.327   13.392  1.00 46.06  ? 3   LCC B O1P   1 
HETATM 361 O O2P   . LCC B 1 3  ? -2.122  5.786   12.558  1.00 42.22  ? 3   LCC B O2P   1 
ATOM   362 P P     . G   B 1 4  ? 0.656   7.790   8.546   1.00 39.50  ? 4   G   B P     1 
ATOM   363 O OP1   . G   B 1 4  ? -0.512  8.315   7.843   1.00 46.14  ? 4   G   B OP1   1 
ATOM   364 O OP2   . G   B 1 4  ? 0.715   6.383   8.961   1.00 40.24  ? 4   G   B OP2   1 
ATOM   365 O "O5'" . G   B 1 4  ? 1.890   8.089   7.598   1.00 40.77  ? 4   G   B "O5'" 1 
ATOM   366 C "C5'" . G   B 1 4  ? 2.181   9.439   7.278   1.00 37.35  ? 4   G   B "C5'" 1 
ATOM   367 C "C4'" . G   B 1 4  ? 3.541   9.530   6.667   1.00 36.38  ? 4   G   B "C4'" 1 
ATOM   368 O "O4'" . G   B 1 4  ? 4.541   9.166   7.653   1.00 35.27  ? 4   G   B "O4'" 1 
ATOM   369 C "C3'" . G   B 1 4  ? 3.794   8.576   5.516   1.00 35.61  ? 4   G   B "C3'" 1 
ATOM   370 O "O3'" . G   B 1 4  ? 3.272   9.242   4.387   1.00 42.58  ? 4   G   B "O3'" 1 
ATOM   371 C "C2'" . G   B 1 4  ? 5.304   8.526   5.504   1.00 33.17  ? 4   G   B "C2'" 1 
ATOM   372 O "O2'" . G   B 1 4  ? 5.852   9.688   4.946   1.00 31.02  ? 4   G   B "O2'" 1 
ATOM   373 C "C1'" . G   B 1 4  ? 5.602   8.516   7.003   1.00 32.31  ? 4   G   B "C1'" 1 
ATOM   374 N N9    . G   B 1 4  ? 5.683   7.163   7.510   1.00 34.28  ? 4   G   B N9    1 
ATOM   375 C C8    . G   B 1 4  ? 4.786   6.452   8.272   1.00 33.36  ? 4   G   B C8    1 
ATOM   376 N N7    . G   B 1 4  ? 5.196   5.242   8.542   1.00 34.87  ? 4   G   B N7    1 
ATOM   377 C C5    . G   B 1 4  ? 6.435   5.158   7.923   1.00 35.94  ? 4   G   B C5    1 
ATOM   378 C C6    . G   B 1 4  ? 7.365   4.096   7.873   1.00 34.52  ? 4   G   B C6    1 
ATOM   379 O O6    . G   B 1 4  ? 7.275   2.982   8.378   1.00 37.86  ? 4   G   B O6    1 
ATOM   380 N N1    . G   B 1 4  ? 8.486   4.429   7.116   1.00 34.89  ? 4   G   B N1    1 
ATOM   381 C C2    . G   B 1 4  ? 8.693   5.649   6.509   1.00 38.41  ? 4   G   B C2    1 
ATOM   382 N N2    . G   B 1 4  ? 9.822   5.793   5.800   1.00 36.39  ? 4   G   B N2    1 
ATOM   383 N N3    . G   B 1 4  ? 7.836   6.649   6.564   1.00 36.06  ? 4   G   B N3    1 
ATOM   384 C C4    . G   B 1 4  ? 6.740   6.336   7.280   1.00 32.57  ? 4   G   B C4    1 
ATOM   385 P P     . A   B 1 5  ? 2.682   8.433   3.157   1.00 40.05  ? 5   A   B P     1 
ATOM   386 O OP1   . A   B 1 5  ? 1.994   9.403   2.281   1.00 39.46  ? 5   A   B OP1   1 
ATOM   387 O OP2   . A   B 1 5  ? 1.970   7.250   3.690   1.00 36.71  ? 5   A   B OP2   1 
ATOM   388 O "O5'" . A   B 1 5  ? 3.976   7.852   2.433   1.00 36.80  ? 5   A   B "O5'" 1 
ATOM   389 C "C5'" . A   B 1 5  ? 4.894   8.700   1.746   1.00 40.35  ? 5   A   B "C5'" 1 
ATOM   390 C "C4'" . A   B 1 5  ? 6.110   7.904   1.327   1.00 39.91  ? 5   A   B "C4'" 1 
ATOM   391 O "O4'" . A   B 1 5  ? 6.866   7.515   2.504   1.00 39.49  ? 5   A   B "O4'" 1 
ATOM   392 C "C3'" . A   B 1 5  ? 5.872   6.572   0.629   1.00 40.36  ? 5   A   B "C3'" 1 
ATOM   393 O "O3'" . A   B 1 5  ? 5.635   6.678   -0.756  1.00 38.26  ? 5   A   B "O3'" 1 
ATOM   394 C "C2'" . A   B 1 5  ? 7.220   5.907   0.823   1.00 39.60  ? 5   A   B "C2'" 1 
ATOM   395 O "O2'" . A   B 1 5  ? 8.238   6.435   0.001   1.00 35.46  ? 5   A   B "O2'" 1 
ATOM   396 C "C1'" . A   B 1 5  ? 7.487   6.261   2.273   1.00 38.61  ? 5   A   B "C1'" 1 
ATOM   397 N N9    . A   B 1 5  ? 6.902   5.283   3.181   1.00 36.13  ? 5   A   B N9    1 
ATOM   398 C C8    . A   B 1 5  ? 5.649   5.261   3.746   1.00 38.80  ? 5   A   B C8    1 
ATOM   399 N N7    . A   B 1 5  ? 5.427   4.208   4.493   1.00 36.71  ? 5   A   B N7    1 
ATOM   400 C C5    . A   B 1 5  ? 6.618   3.502   4.435   1.00 36.06  ? 5   A   B C5    1 
ATOM   401 C C6    . A   B 1 5  ? 7.037   2.308   5.043   1.00 38.74  ? 5   A   B C6    1 
ATOM   402 N N6    . A   B 1 5  ? 6.272   1.590   5.864   1.00 43.08  ? 5   A   B N6    1 
ATOM   403 N N1    . A   B 1 5  ? 8.282   1.864   4.763   1.00 40.44  ? 5   A   B N1    1 
ATOM   404 C C2    . A   B 1 5  ? 9.045   2.578   3.920   1.00 42.09  ? 5   A   B C2    1 
ATOM   405 N N3    . A   B 1 5  ? 8.759   3.714   3.282   1.00 39.57  ? 5   A   B N3    1 
ATOM   406 C C4    . A   B 1 5  ? 7.521   4.133   3.598   1.00 37.82  ? 5   A   B C4    1 
ATOM   407 P P     . C   B 1 6  ? 4.711   5.595   -1.478  1.00 41.99  ? 6   C   B P     1 
ATOM   408 O OP1   . C   B 1 6  ? 4.270   6.184   -2.722  1.00 35.33  ? 6   C   B OP1   1 
ATOM   409 O OP2   . C   B 1 6  ? 3.721   5.082   -0.493  1.00 39.55  ? 6   C   B OP2   1 
ATOM   410 O "O5'" . C   B 1 6  ? 5.691   4.368   -1.735  1.00 34.61  ? 6   C   B "O5'" 1 
ATOM   411 C "C5'" . C   B 1 6  ? 6.795   4.470   -2.644  1.00 38.37  ? 6   C   B "C5'" 1 
ATOM   412 C "C4'" . C   B 1 6  ? 7.777   3.374   -2.337  1.00 34.92  ? 6   C   B "C4'" 1 
ATOM   413 O "O4'" . C   B 1 6  ? 8.063   3.370   -0.918  1.00 37.62  ? 6   C   B "O4'" 1 
ATOM   414 C "C3'" . C   B 1 6  ? 7.281   1.970   -2.584  1.00 38.03  ? 6   C   B "C3'" 1 
ATOM   415 O "O3'" . C   B 1 6  ? 7.367   1.657   -3.961  1.00 45.03  ? 6   C   B "O3'" 1 
ATOM   416 C "C2'" . C   B 1 6  ? 8.242   1.175   -1.732  1.00 40.61  ? 6   C   B "C2'" 1 
ATOM   417 O "O2'" . C   B 1 6  ? 9.529   1.151   -2.300  1.00 42.21  ? 6   C   B "O2'" 1 
ATOM   418 C "C1'" . C   B 1 6  ? 8.269   2.037   -0.480  1.00 40.98  ? 6   C   B "C1'" 1 
ATOM   419 N N1    . C   B 1 6  ? 7.225   1.685   0.492   1.00 38.31  ? 6   C   B N1    1 
ATOM   420 C C2    . C   B 1 6  ? 7.431   0.572   1.297   1.00 42.02  ? 6   C   B C2    1 
ATOM   421 O O2    . C   B 1 6  ? 8.444   -0.112  1.115   1.00 45.15  ? 6   C   B O2    1 
ATOM   422 N N3    . C   B 1 6  ? 6.508   0.246   2.227   1.00 42.22  ? 6   C   B N3    1 
ATOM   423 C C4    . C   B 1 6  ? 5.415   0.994   2.370   1.00 41.03  ? 6   C   B C4    1 
ATOM   424 N N4    . C   B 1 6  ? 4.528   0.639   3.302   1.00 43.57  ? 6   C   B N4    1 
ATOM   425 C C5    . C   B 1 6  ? 5.189   2.151   1.575   1.00 39.87  ? 6   C   B C5    1 
ATOM   426 C C6    . C   B 1 6  ? 6.106   2.452   0.651   1.00 38.09  ? 6   C   B C6    1 
ATOM   427 P P     . U   B 1 7  ? 6.381   0.580   -4.586  1.00 41.98  ? 7   U   B P     1 
ATOM   428 O OP1   . U   B 1 7  ? 6.513   0.623   -6.049  1.00 45.74  ? 7   U   B OP1   1 
ATOM   429 O OP2   . U   B 1 7  ? 5.068   0.757   -3.961  1.00 47.20  ? 7   U   B OP2   1 
ATOM   430 O "O5'" . U   B 1 7  ? 6.937   -0.802  -4.044  1.00 41.37  ? 7   U   B "O5'" 1 
ATOM   431 C "C5'" . U   B 1 7  ? 8.183   -1.292  -4.505  1.00 41.62  ? 7   U   B "C5'" 1 
ATOM   432 C "C4'" . U   B 1 7  ? 8.537   -2.565  -3.788  1.00 39.06  ? 7   U   B "C4'" 1 
ATOM   433 O "O4'" . U   B 1 7  ? 8.703   -2.326  -2.361  1.00 43.62  ? 7   U   B "O4'" 1 
ATOM   434 C "C3'" . U   B 1 7  ? 7.517   -3.676  -3.851  1.00 39.53  ? 7   U   B "C3'" 1 
ATOM   435 O "O3'" . U   B 1 7  ? 7.679   -4.310  -5.094  1.00 42.71  ? 7   U   B "O3'" 1 
ATOM   436 C "C2'" . U   B 1 7  ? 7.963   -4.529  -2.685  1.00 42.50  ? 7   U   B "C2'" 1 
ATOM   437 O "O2'" . U   B 1 7  ? 9.180   -5.180  -2.954  1.00 39.79  ? 7   U   B "O2'" 1 
ATOM   438 C "C1'" . U   B 1 7  ? 8.269   -3.461  -1.645  1.00 42.11  ? 7   U   B "C1'" 1 
ATOM   439 N N1    . U   B 1 7  ? 7.111   -3.084  -0.828  1.00 43.03  ? 7   U   B N1    1 
ATOM   440 C C2    . U   B 1 7  ? 6.779   -3.928  0.211   1.00 41.40  ? 7   U   B C2    1 
ATOM   441 O O2    . U   B 1 7  ? 7.365   -4.971  0.430   1.00 39.03  ? 7   U   B O2    1 
ATOM   442 N N3    . U   B 1 7  ? 5.714   -3.519  0.970   1.00 39.50  ? 7   U   B N3    1 
ATOM   443 C C4    . U   B 1 7  ? 4.950   -2.394  0.794   1.00 39.17  ? 7   U   B C4    1 
ATOM   444 O O4    . U   B 1 7  ? 4.018   -2.175  1.563   1.00 37.00  ? 7   U   B O4    1 
ATOM   445 C C5    . U   B 1 7  ? 5.361   -1.559  -0.295  1.00 41.05  ? 7   U   B C5    1 
ATOM   446 C C6    . U   B 1 7  ? 6.396   -1.932  -1.058  1.00 42.38  ? 7   U   B C6    1 
ATOM   447 P P     . U   B 1 8  ? 6.431   -4.988  -5.776  1.00 47.90  ? 8   U   B P     1 
ATOM   448 O OP1   . U   B 1 8  ? 6.868   -5.603  -7.034  1.00 49.76  ? 8   U   B OP1   1 
ATOM   449 O OP2   . U   B 1 8  ? 5.306   -4.029  -5.774  1.00 43.59  ? 8   U   B OP2   1 
ATOM   450 O "O5'" . U   B 1 8  ? 6.126   -6.188  -4.779  1.00 49.69  ? 8   U   B "O5'" 1 
ATOM   451 C "C5'" . U   B 1 8  ? 7.013   -7.296  -4.636  1.00 43.28  ? 8   U   B "C5'" 1 
ATOM   452 C "C4'" . U   B 1 8  ? 6.529   -8.169  -3.507  1.00 41.23  ? 8   U   B "C4'" 1 
ATOM   453 O "O4'" . U   B 1 8  ? 6.542   -7.423  -2.260  1.00 48.56  ? 8   U   B "O4'" 1 
ATOM   454 C "C3'" . U   B 1 8  ? 5.094   -8.645  -3.601  1.00 40.09  ? 8   U   B "C3'" 1 
ATOM   455 O "O3'" . U   B 1 8  ? 5.021   -9.712  -4.527  1.00 41.11  ? 8   U   B "O3'" 1 
ATOM   456 C "C2'" . U   B 1 8  ? 4.816   -9.037  -2.157  1.00 41.78  ? 8   U   B "C2'" 1 
ATOM   457 O "O2'" . U   B 1 8  ? 5.367   -10.261 -1.727  1.00 37.59  ? 8   U   B "O2'" 1 
ATOM   458 C "C1'" . U   B 1 8  ? 5.499   -7.888  -1.415  1.00 41.56  ? 8   U   B "C1'" 1 
ATOM   459 N N1    . U   B 1 8  ? 4.579   -6.776  -1.156  1.00 43.48  ? 8   U   B N1    1 
ATOM   460 C C2    . U   B 1 8  ? 3.726   -6.903  -0.082  1.00 43.31  ? 8   U   B C2    1 
ATOM   461 O O2    . U   B 1 8  ? 3.728   -7.866  0.656   1.00 40.09  ? 8   U   B O2    1 
ATOM   462 N N3    . U   B 1 8  ? 2.884   -5.845  0.111   1.00 41.90  ? 8   U   B N3    1 
ATOM   463 C C4    . U   B 1 8  ? 2.797   -4.706  -0.640  1.00 44.12  ? 8   U   B C4    1 
ATOM   464 O O4    . U   B 1 8  ? 1.991   -3.837  -0.319  1.00 38.03  ? 8   U   B O4    1 
ATOM   465 C C5    . U   B 1 8  ? 3.701   -4.652  -1.745  1.00 42.34  ? 8   U   B C5    1 
ATOM   466 C C6    . U   B 1 8  ? 4.533   -5.668  -1.964  1.00 44.69  ? 8   U   B C6    1 
ATOM   467 P P     . A   B 1 9  ? 3.713   -9.949  -5.396  1.00 42.80  ? 9   A   B P     1 
ATOM   468 O OP1   . A   B 1 9  ? 4.021   -10.978 -6.383  1.00 46.63  ? 9   A   B OP1   1 
ATOM   469 O OP2   . A   B 1 9  ? 3.163   -8.644  -5.842  1.00 48.93  ? 9   A   B OP2   1 
ATOM   470 O "O5'" . A   B 1 9  ? 2.642   -10.530 -4.355  1.00 47.39  ? 9   A   B "O5'" 1 
ATOM   471 C "C5'" . A   B 1 9  ? 2.720   -11.881 -3.813  1.00 42.05  ? 9   A   B "C5'" 1 
ATOM   472 C "C4'" . A   B 1 9  ? 1.630   -12.101 -2.778  1.00 39.11  ? 9   A   B "C4'" 1 
ATOM   473 O "O4'" . A   B 1 9  ? 1.823   -11.219 -1.640  1.00 39.00  ? 9   A   B "O4'" 1 
ATOM   474 C "C3'" . A   B 1 9  ? 0.218   -11.749 -3.206  1.00 38.15  ? 9   A   B "C3'" 1 
ATOM   475 O "O3'" . A   B 1 9  ? -0.359  -12.675 -4.078  1.00 43.45  ? 9   A   B "O3'" 1 
ATOM   476 C "C2'" . A   B 1 9  ? -0.484  -11.663 -1.870  1.00 40.07  ? 9   A   B "C2'" 1 
ATOM   477 O "O2'" . A   B 1 9  ? -0.728  -12.887 -1.211  1.00 42.24  ? 9   A   B "O2'" 1 
ATOM   478 C "C1'" . A   B 1 9  ? 0.556   -10.892 -1.077  1.00 41.83  ? 9   A   B "C1'" 1 
ATOM   479 N N9    . A   B 1 9  ? 0.348   -9.450  -1.165  1.00 45.30  ? 9   A   B N9    1 
ATOM   480 C C8    . A   B 1 9  ? 0.928   -8.515  -1.988  1.00 44.73  ? 9   A   B C8    1 
ATOM   481 N N7    . A   B 1 9  ? 0.508   -7.292  -1.774  1.00 45.63  ? 9   A   B N7    1 
ATOM   482 C C5    . A   B 1 9  ? -0.419  -7.433  -0.749  1.00 46.76  ? 9   A   B C5    1 
ATOM   483 C C6    . A   B 1 9  ? -1.230  -6.508  -0.068  1.00 41.84  ? 9   A   B C6    1 
ATOM   484 N N6    . A   B 1 9  ? -1.230  -5.203  -0.312  1.00 41.06  ? 9   A   B N6    1 
ATOM   485 N N1    . A   B 1 9  ? -2.049  -6.981  0.894   1.00 42.85  ? 9   A   B N1    1 
ATOM   486 C C2    . A   B 1 9  ? -2.059  -8.298  1.136   1.00 45.13  ? 9   A   B C2    1 
ATOM   487 N N3    . A   B 1 9  ? -1.354  -9.263  0.560   1.00 42.58  ? 9   A   B N3    1 
ATOM   488 C C4    . A   B 1 9  ? -0.530  -8.757  -0.371  1.00 42.41  ? 9   A   B C4    1 
ATOM   489 P P     . A   B 1 10 ? -1.384  -12.188 -5.177  1.00 46.44  ? 10  A   B P     1 
ATOM   490 O OP1   . A   B 1 10 ? -1.526  -13.291 -6.149  1.00 56.72  ? 10  A   B OP1   1 
ATOM   491 O OP2   . A   B 1 10 ? -1.005  -10.820 -5.621  1.00 52.73  ? 10  A   B OP2   1 
ATOM   492 O "O5'" . A   B 1 10 ? -2.745  -12.050 -4.363  1.00 50.26  ? 10  A   B "O5'" 1 
ATOM   493 C "C5'" . A   B 1 10 ? -3.219  -13.131 -3.542  1.00 51.04  ? 10  A   B "C5'" 1 
ATOM   494 C "C4'" . A   B 1 10 ? -4.294  -12.632 -2.617  1.00 49.92  ? 10  A   B "C4'" 1 
ATOM   495 O "O4'" . A   B 1 10 ? -3.732  -11.704 -1.661  1.00 50.28  ? 10  A   B "O4'" 1 
ATOM   496 C "C3'" . A   B 1 10 ? -5.387  -11.809 -3.274  1.00 50.36  ? 10  A   B "C3'" 1 
ATOM   497 O "O3'" . A   B 1 10 ? -6.293  -12.640 -3.969  1.00 53.93  ? 10  A   B "O3'" 1 
ATOM   498 C "C2'" . A   B 1 10 ? -5.971  -11.096 -2.071  1.00 54.29  ? 10  A   B "C2'" 1 
ATOM   499 O "O2'" . A   B 1 10 ? -6.763  -11.852 -1.169  1.00 53.57  ? 10  A   B "O2'" 1 
ATOM   500 C "C1'" . A   B 1 10 ? -4.691  -10.701 -1.351  1.00 51.14  ? 10  A   B "C1'" 1 
ATOM   501 N N9    . A   B 1 10 ? -4.199  -9.398  -1.793  1.00 45.49  ? 10  A   B N9    1 
ATOM   502 C C8    . A   B 1 10 ? -3.292  -9.092  -2.774  1.00 48.99  ? 10  A   B C8    1 
ATOM   503 N N7    . A   B 1 10 ? -3.097  -7.807  -2.928  1.00 47.17  ? 10  A   B N7    1 
ATOM   504 C C5    . A   B 1 10 ? -3.949  -7.228  -1.998  1.00 43.42  ? 10  A   B C5    1 
ATOM   505 C C6    . A   B 1 10 ? -4.206  -5.894  -1.656  1.00 42.95  ? 10  A   B C6    1 
ATOM   506 N N6    . A   B 1 10 ? -3.616  -4.859  -2.244  1.00 46.13  ? 10  A   B N6    1 
ATOM   507 N N1    . A   B 1 10 ? -5.137  -5.654  -0.710  1.00 47.24  ? 10  A   B N1    1 
ATOM   508 C C2    . A   B 1 10 ? -5.738  -6.695  -0.125  1.00 45.47  ? 10  A   B C2    1 
ATOM   509 N N3    . A   B 1 10 ? -5.571  -7.992  -0.351  1.00 52.12  ? 10  A   B N3    1 
ATOM   510 C C4    . A   B 1 10 ? -4.638  -8.195  -1.299  1.00 45.28  ? 10  A   B C4    1 
ATOM   511 P P     . G   B 1 11 ? -7.242  -12.005 -5.077  1.00 57.44  ? 11  G   B P     1 
ATOM   512 O OP1   . G   B 1 11 ? -8.149  -13.084 -5.527  1.00 61.12  ? 11  G   B OP1   1 
ATOM   513 O OP2   . G   B 1 11 ? -6.417  -11.230 -6.050  1.00 60.29  ? 11  G   B OP2   1 
ATOM   514 O "O5'" . G   B 1 11 ? -7.982  -10.828 -4.294  1.00 59.32  ? 11  G   B "O5'" 1 
ATOM   515 C "C5'" . G   B 1 11 ? -9.404  -10.660 -4.349  1.00 48.13  ? 11  G   B "C5'" 1 
ATOM   516 C "C4'" . G   B 1 11 ? -9.858  -9.598  -3.377  1.00 46.93  ? 11  G   B "C4'" 1 
ATOM   517 O "O4'" . G   B 1 11 ? -8.737  -9.057  -2.634  1.00 46.57  ? 11  G   B "O4'" 1 
ATOM   518 C "C3'" . G   B 1 11 ? -10.493 -8.373  -4.001  1.00 48.54  ? 11  G   B "C3'" 1 
ATOM   519 O "O3'" . G   B 1 11 ? -11.818 -8.733  -4.374  1.00 48.74  ? 11  G   B "O3'" 1 
ATOM   520 C "C2'" . G   B 1 11 ? -10.371 -7.379  -2.856  1.00 47.39  ? 11  G   B "C2'" 1 
ATOM   521 O "O2'" . G   B 1 11 ? -11.262 -7.566  -1.775  1.00 48.88  ? 11  G   B "O2'" 1 
ATOM   522 C "C1'" . G   B 1 11 ? -8.955  -7.683  -2.378  1.00 46.97  ? 11  G   B "C1'" 1 
ATOM   523 N N9    . G   B 1 11 ? -7.935  -6.887  -3.063  1.00 44.13  ? 11  G   B N9    1 
ATOM   524 C C8    . G   B 1 11 ? -6.938  -7.302  -3.911  1.00 44.52  ? 11  G   B C8    1 
ATOM   525 N N7    . G   B 1 11 ? -6.176  -6.323  -4.322  1.00 45.34  ? 11  G   B N7    1 
ATOM   526 C C5    . G   B 1 11 ? -6.704  -5.197  -3.704  1.00 41.93  ? 11  G   B C5    1 
ATOM   527 C C6    . G   B 1 11 ? -6.307  -3.836  -3.774  1.00 42.05  ? 11  G   B C6    1 
ATOM   528 O O6    . G   B 1 11 ? -5.390  -3.336  -4.422  1.00 42.60  ? 11  G   B O6    1 
ATOM   529 N N1    . G   B 1 11 ? -7.133  -3.021  -3.013  1.00 38.96  ? 11  G   B N1    1 
ATOM   530 C C2    . G   B 1 11 ? -8.194  -3.458  -2.262  1.00 41.35  ? 11  G   B C2    1 
ATOM   531 N N2    . G   B 1 11 ? -8.871  -2.523  -1.590  1.00 46.15  ? 11  G   B N2    1 
ATOM   532 N N3    . G   B 1 11 ? -8.564  -4.723  -2.174  1.00 45.68  ? 11  G   B N3    1 
ATOM   533 C C4    . G   B 1 11 ? -7.784  -5.531  -2.921  1.00 40.42  ? 11  G   B C4    1 
ATOM   534 P P     . U   B 1 12 ? -12.553 -8.041  -5.615  1.00 51.83  ? 12  U   B P     1 
ATOM   535 O OP1   . U   B 1 12 ? -13.812 -8.765  -5.819  1.00 54.06  ? 12  U   B OP1   1 
ATOM   536 O OP2   . U   B 1 12 ? -11.583 -7.903  -6.749  1.00 51.01  ? 12  U   B OP2   1 
ATOM   537 O "O5'" . U   B 1 12 ? -12.893 -6.579  -5.087  1.00 43.44  ? 12  U   B "O5'" 1 
ATOM   538 C "C5'" . U   B 1 12 ? -13.807 -6.388  -4.018  1.00 45.72  ? 12  U   B "C5'" 1 
ATOM   539 C "C4'" . U   B 1 12 ? -13.861 -4.928  -3.660  1.00 46.39  ? 12  U   B "C4'" 1 
ATOM   540 O "O4'" . U   B 1 12 ? -12.588 -4.503  -3.097  1.00 47.23  ? 12  U   B "O4'" 1 
ATOM   541 C "C3'" . U   B 1 12 ? -14.091 -3.969  -4.811  1.00 49.48  ? 12  U   B "C3'" 1 
ATOM   542 O "O3'" . U   B 1 12 ? -15.473 -3.870  -5.099  1.00 52.34  ? 12  U   B "O3'" 1 
ATOM   543 C "C2'" . U   B 1 12 ? -13.546 -2.674  -4.234  1.00 50.01  ? 12  U   B "C2'" 1 
ATOM   544 O "O2'" . U   B 1 12 ? -14.369 -2.067  -3.261  1.00 48.90  ? 12  U   B "O2'" 1 
ATOM   545 C "C1'" . U   B 1 12 ? -12.288 -3.182  -3.544  1.00 48.40  ? 12  U   B "C1'" 1 
ATOM   546 N N1    . U   B 1 12 ? -11.089 -3.203  -4.404  1.00 44.59  ? 12  U   B N1    1 
ATOM   547 C C2    . U   B 1 12 ? -10.470 -1.989  -4.644  1.00 46.36  ? 12  U   B C2    1 
ATOM   548 O O2    . U   B 1 12 ? -10.898 -0.929  -4.222  1.00 47.22  ? 12  U   B O2    1 
ATOM   549 N N3    . U   B 1 12 ? -9.334  -2.064  -5.411  1.00 42.81  ? 12  U   B N3    1 
ATOM   550 C C4    . U   B 1 12 ? -8.755  -3.194  -5.940  1.00 42.14  ? 12  U   B C4    1 
ATOM   551 O O4    . U   B 1 12 ? -7.724  -3.091  -6.594  1.00 42.81  ? 12  U   B O4    1 
ATOM   552 C C5    . U   B 1 12 ? -9.458  -4.408  -5.667  1.00 44.91  ? 12  U   B C5    1 
ATOM   553 C C6    . U   B 1 12 ? -10.572 -4.374  -4.921  1.00 46.62  ? 12  U   B C6    1 
ATOM   554 P P     . C   B 1 13 ? -15.973 -3.576  -6.596  1.00 54.54  ? 13  C   B P     1 
ATOM   555 O OP1   . C   B 1 13 ? -17.407 -3.929  -6.642  1.00 59.10  ? 13  C   B OP1   1 
ATOM   556 O OP2   . C   B 1 13 ? -15.022 -4.210  -7.555  1.00 54.59  ? 13  C   B OP2   1 
ATOM   557 O "O5'" . C   B 1 13 ? -15.764 -2.001  -6.773  1.00 52.90  ? 13  C   B "O5'" 1 
ATOM   558 C "C5'" . C   B 1 13 ? -16.397 -1.036  -5.912  1.00 53.23  ? 13  C   B "C5'" 1 
ATOM   559 C "C4'" . C   B 1 13 ? -15.673 0.291   -5.962  1.00 56.39  ? 13  C   B "C4'" 1 
ATOM   560 O "O4'" . C   B 1 13 ? -14.312 0.148   -5.469  1.00 55.41  ? 13  C   B "O4'" 1 
ATOM   561 C "C3'" . C   B 1 13 ? -15.481 0.931   -7.326  1.00 59.18  ? 13  C   B "C3'" 1 
ATOM   562 O "O3'" . C   B 1 13 ? -16.637 1.593   -7.793  1.00 64.12  ? 13  C   B "O3'" 1 
ATOM   563 C "C2'" . C   B 1 13 ? -14.362 1.920   -7.029  1.00 55.77  ? 13  C   B "C2'" 1 
ATOM   564 O "O2'" . C   B 1 13 ? -14.763 3.075   -6.310  1.00 50.22  ? 13  C   B "O2'" 1 
ATOM   565 C "C1'" . C   B 1 13 ? -13.461 1.046   -6.163  1.00 52.32  ? 13  C   B "C1'" 1 
ATOM   566 N N1    . C   B 1 13 ? -12.470 0.272   -6.930  1.00 47.48  ? 13  C   B N1    1 
ATOM   567 C C2    . C   B 1 13 ? -11.341 0.952   -7.387  1.00 51.22  ? 13  C   B C2    1 
ATOM   568 O O2    . C   B 1 13 ? -11.242 2.167   -7.152  1.00 58.35  ? 13  C   B O2    1 
ATOM   569 N N3    . C   B 1 13 ? -10.379 0.269   -8.056  1.00 46.42  ? 13  C   B N3    1 
ATOM   570 C C4    . C   B 1 13 ? -10.520 -1.040  -8.277  1.00 45.78  ? 13  C   B C4    1 
ATOM   571 N N4    . C   B 1 13 ? -9.552  -1.666  -8.945  1.00 43.14  ? 13  C   B N4    1 
ATOM   572 C C5    . C   B 1 13 ? -11.662 -1.763  -7.818  1.00 45.88  ? 13  C   B C5    1 
ATOM   573 C C6    . C   B 1 13 ? -12.608 -1.072  -7.160  1.00 46.65  ? 13  C   B C6    1 
ATOM   574 P P     . G   B 1 14 ? -16.890 1.705   -9.359  1.00 63.37  ? 14  G   B P     1 
ATOM   575 O OP1   . G   B 1 14 ? -18.186 2.395   -9.539  1.00 66.92  ? 14  G   B OP1   1 
ATOM   576 O OP2   . G   B 1 14 ? -16.603 0.375   -9.991  1.00 58.85  ? 14  G   B OP2   1 
ATOM   577 O "O5'" . G   B 1 14 ? -15.803 2.748   -9.844  1.00 59.72  ? 14  G   B "O5'" 1 
ATOM   578 C "C5'" . G   B 1 14 ? -15.860 4.105   -9.389  1.00 61.94  ? 14  G   B "C5'" 1 
ATOM   579 C "C4'" . G   B 1 14 ? -14.728 4.876   -10.012 1.00 65.25  ? 14  G   B "C4'" 1 
ATOM   580 O "O4'" . G   B 1 14 ? -13.476 4.334   -9.526  1.00 62.30  ? 14  G   B "O4'" 1 
ATOM   581 C "C3'" . G   B 1 14 ? -14.614 4.799   -11.529 1.00 61.83  ? 14  G   B "C3'" 1 
ATOM   582 O "O3'" . G   B 1 14 ? -15.401 5.792   -12.180 1.00 70.00  ? 14  G   B "O3'" 1 
ATOM   583 C "C2'" . G   B 1 14 ? -13.143 5.104   -11.752 1.00 58.50  ? 14  G   B "C2'" 1 
ATOM   584 O "O2'" . G   B 1 14 ? -12.959 6.496   -11.683 1.00 57.66  ? 14  G   B "O2'" 1 
ATOM   585 C "C1'" . G   B 1 14 ? -12.494 4.443   -10.538 1.00 56.03  ? 14  G   B "C1'" 1 
ATOM   586 N N9    . G   B 1 14 ? -11.958 3.117   -10.787 1.00 55.67  ? 14  G   B N9    1 
ATOM   587 C C8    . G   B 1 14 ? -12.539 1.914   -10.468 1.00 51.94  ? 14  G   B C8    1 
ATOM   588 N N7    . G   B 1 14 ? -11.795 0.888   -10.779 1.00 52.46  ? 14  G   B N7    1 
ATOM   589 C C5    . G   B 1 14 ? -10.640 1.448   -11.307 1.00 47.67  ? 14  G   B C5    1 
ATOM   590 C C6    . G   B 1 14 ? -9.464  0.829   -11.802 1.00 48.47  ? 14  G   B C6    1 
ATOM   591 O O6    . G   B 1 14 ? -9.214  -0.376  -11.893 1.00 48.11  ? 14  G   B O6    1 
ATOM   592 N N1    . G   B 1 14 ? -8.531  1.769   -12.237 1.00 45.68  ? 14  G   B N1    1 
ATOM   593 C C2    . G   B 1 14 ? -8.712  3.132   -12.202 1.00 48.81  ? 14  G   B C2    1 
ATOM   594 N N2    . G   B 1 14 ? -7.703  3.878   -12.668 1.00 44.67  ? 14  G   B N2    1 
ATOM   595 N N3    . G   B 1 14 ? -9.807  3.721   -11.739 1.00 50.74  ? 14  G   B N3    1 
ATOM   596 C C4    . G   B 1 14 ? -10.720 2.823   -11.309 1.00 49.97  ? 14  G   B C4    1 
ATOM   597 O OP3   . G   C 2 1  ? 14.216  5.766   11.558  1.00 87.07  ? 1   G   C OP3   1 
ATOM   598 P P     . G   C 2 1  ? 14.940  5.890   12.855  1.00 86.69  ? 1   G   C P     1 
ATOM   599 O OP1   . G   C 2 1  ? 16.386  5.896   12.536  1.00 85.09  ? 1   G   C OP1   1 
ATOM   600 O OP2   . G   C 2 1  ? 14.359  4.921   13.830  1.00 78.86  ? 1   G   C OP2   1 
ATOM   601 O "O5'" . G   C 2 1  ? 14.716  7.385   13.356  1.00 81.41  ? 1   G   C "O5'" 1 
ATOM   602 C "C5'" . G   C 2 1  ? 14.646  8.482   12.426  1.00 75.22  ? 1   G   C "C5'" 1 
ATOM   603 C "C4'" . G   C 2 1  ? 13.267  9.114   12.449  1.00 73.08  ? 1   G   C "C4'" 1 
ATOM   604 O "O4'" . G   C 2 1  ? 12.283  8.277   11.768  1.00 62.47  ? 1   G   C "O4'" 1 
ATOM   605 C "C3'" . G   C 2 1  ? 12.636  9.333   13.818  1.00 64.88  ? 1   G   C "C3'" 1 
ATOM   606 O "O3'" . G   C 2 1  ? 13.217  10.400  14.550  1.00 71.10  ? 1   G   C "O3'" 1 
ATOM   607 C "C2'" . G   C 2 1  ? 11.185  9.572   13.429  1.00 63.47  ? 1   G   C "C2'" 1 
ATOM   608 O "O2'" . G   C 2 1  ? 10.880  10.884  12.976  1.00 64.48  ? 1   G   C "O2'" 1 
ATOM   609 C "C1'" . G   C 2 1  ? 11.008  8.481   12.368  1.00 54.70  ? 1   G   C "C1'" 1 
ATOM   610 N N9    . G   C 2 1  ? 10.550  7.220   12.945  1.00 45.69  ? 1   G   C N9    1 
ATOM   611 C C8    . G   C 2 1  ? 11.183  6.000   12.967  1.00 40.30  ? 1   G   C C8    1 
ATOM   612 N N7    . G   C 2 1  ? 10.464  5.063   13.521  1.00 44.25  ? 1   G   C N7    1 
ATOM   613 C C5    . G   C 2 1  ? 9.316   5.718   13.946  1.00 42.54  ? 1   G   C C5    1 
ATOM   614 C C6    . G   C 2 1  ? 8.177   5.226   14.628  1.00 43.96  ? 1   G   C C6    1 
ATOM   615 O O6    . G   C 2 1  ? 7.955   4.079   15.033  1.00 47.68  ? 1   G   C O6    1 
ATOM   616 N N1    . G   C 2 1  ? 7.228   6.225   14.824  1.00 47.96  ? 1   G   C N1    1 
ATOM   617 C C2    . G   C 2 1  ? 7.354   7.529   14.407  1.00 47.70  ? 1   G   C C2    1 
ATOM   618 N N2    . G   C 2 1  ? 6.328   8.349   14.682  1.00 46.74  ? 1   G   C N2    1 
ATOM   619 N N3    . G   C 2 1  ? 8.414   7.999   13.776  1.00 46.59  ? 1   G   C N3    1 
ATOM   620 C C4    . G   C 2 1  ? 9.351   7.047   13.586  1.00 45.47  ? 1   G   C C4    1 
ATOM   621 P P     . G   C 2 2  ? 13.783  10.165  16.047  1.00 67.34  ? 2   G   C P     1 
ATOM   622 O OP1   . G   C 2 2  ? 14.712  11.283  16.345  1.00 68.22  ? 2   G   C OP1   1 
ATOM   623 O OP2   . G   C 2 2  ? 14.204  8.742   16.201  1.00 58.24  ? 2   G   C OP2   1 
ATOM   624 O "O5'" . G   C 2 2  ? 12.520  10.428  16.964  1.00 58.77  ? 2   G   C "O5'" 1 
ATOM   625 C "C5'" . G   C 2 2  ? 11.979  11.746  17.063  1.00 57.99  ? 2   G   C "C5'" 1 
ATOM   626 C "C4'" . G   C 2 2  ? 10.563  11.627  17.528  1.00 61.78  ? 2   G   C "C4'" 1 
ATOM   627 O "O4'" . G   C 2 2  ? 9.911   10.587  16.760  1.00 59.40  ? 2   G   C "O4'" 1 
ATOM   628 C "C3'" . G   C 2 2  ? 10.370  11.153  18.957  1.00 65.01  ? 2   G   C "C3'" 1 
ATOM   629 O "O3'" . G   C 2 2  ? 10.577  12.198  19.896  1.00 69.82  ? 2   G   C "O3'" 1 
ATOM   630 C "C2'" . G   C 2 2  ? 8.927   10.662  18.922  1.00 63.75  ? 2   G   C "C2'" 1 
ATOM   631 O "O2'" . G   C 2 2  ? 7.923   11.663  19.002  1.00 60.68  ? 2   G   C "O2'" 1 
ATOM   632 C "C1'" . G   C 2 2  ? 8.882   10.013  17.541  1.00 56.82  ? 2   G   C "C1'" 1 
ATOM   633 N N9    . G   C 2 2  ? 9.046   8.568   17.578  1.00 53.30  ? 2   G   C N9    1 
ATOM   634 C C8    . G   C 2 2  ? 10.089  7.789   17.125  1.00 53.20  ? 2   G   C C8    1 
ATOM   635 N N7    . G   C 2 2  ? 9.871   6.509   17.272  1.00 51.00  ? 2   G   C N7    1 
ATOM   636 C C5    . G   C 2 2  ? 8.606   6.439   17.841  1.00 48.34  ? 2   G   C C5    1 
ATOM   637 C C6    . G   C 2 2  ? 7.838   5.311   18.256  1.00 44.89  ? 2   G   C C6    1 
ATOM   638 O O6    . G   C 2 2  ? 8.130   4.113   18.195  1.00 49.35  ? 2   G   C O6    1 
ATOM   639 N N1    . G   C 2 2  ? 6.616   5.696   18.796  1.00 42.00  ? 2   G   C N1    1 
ATOM   640 C C2    . G   C 2 2  ? 6.180   6.999   18.916  1.00 45.26  ? 2   G   C C2    1 
ATOM   641 N N2    . G   C 2 2  ? 4.968   7.170   19.448  1.00 48.58  ? 2   G   C N2    1 
ATOM   642 N N3    . G   C 2 2  ? 6.887   8.055   18.543  1.00 41.82  ? 2   G   C N3    1 
ATOM   643 C C4    . G   C 2 2  ? 8.081   7.703   18.022  1.00 48.71  ? 2   G   C C4    1 
ATOM   644 O OP3   . G   D 2 1  ? -14.566 1.670   -13.381 1.00 101.26 ? 1   G   D OP3   1 
ATOM   645 P P     . G   D 2 1  ? -14.933 1.662   -14.827 1.00 107.17 ? 1   G   D P     1 
ATOM   646 O OP1   . G   D 2 1  ? -16.231 2.355   -15.050 1.00 98.84  ? 1   G   D OP1   1 
ATOM   647 O OP2   . G   D 2 1  ? -14.739 0.256   -15.290 1.00 106.97 ? 1   G   D OP2   1 
ATOM   648 O "O5'" . G   D 2 1  ? -13.844 2.577   -15.547 1.00 104.60 ? 1   G   D "O5'" 1 
ATOM   649 C "C5'" . G   D 2 1  ? -13.973 4.009   -15.626 1.00 91.89  ? 1   G   D "C5'" 1 
ATOM   650 C "C4'" . G   D 2 1  ? -12.620 4.644   -15.867 1.00 88.61  ? 1   G   D "C4'" 1 
ATOM   651 O "O4'" . G   D 2 1  ? -11.716 4.286   -14.788 1.00 80.34  ? 1   G   D "O4'" 1 
ATOM   652 C "C3'" . G   D 2 1  ? -11.892 4.194   -17.127 1.00 88.62  ? 1   G   D "C3'" 1 
ATOM   653 O "O3'" . G   D 2 1  ? -12.268 4.918   -18.284 1.00 99.61  ? 1   G   D "O3'" 1 
ATOM   654 C "C2'" . G   D 2 1  ? -10.435 4.429   -16.768 1.00 76.93  ? 1   G   D "C2'" 1 
ATOM   655 O "O2'" . G   D 2 1  ? -9.931  5.736   -16.990 1.00 71.89  ? 1   G   D "O2'" 1 
ATOM   656 C "C1'" . G   D 2 1  ? -10.436 3.980   -15.311 1.00 68.58  ? 1   G   D "C1'" 1 
ATOM   657 N N9    . G   D 2 1  ? -10.220 2.545   -15.183 1.00 53.41  ? 1   G   D N9    1 
ATOM   658 C C8    . G   D 2 1  ? -11.074 1.606   -14.658 1.00 48.82  ? 1   G   D C8    1 
ATOM   659 N N7    . G   D 2 1  ? -10.590 0.394   -14.698 1.00 48.59  ? 1   G   D N7    1 
ATOM   660 C C5    . G   D 2 1  ? -9.345  0.542   -15.292 1.00 47.91  ? 1   G   D C5    1 
ATOM   661 C C6    . G   D 2 1  ? -8.353  -0.427  -15.599 1.00 43.95  ? 1   G   D C6    1 
ATOM   662 O O6    . G   D 2 1  ? -8.384  -1.648  -15.404 1.00 41.48  ? 1   G   D O6    1 
ATOM   663 N N1    . G   D 2 1  ? -7.241  0.154   -16.206 1.00 45.07  ? 1   G   D N1    1 
ATOM   664 C C2    . G   D 2 1  ? -7.100  1.498   -16.477 1.00 52.25  ? 1   G   D C2    1 
ATOM   665 N N2    . G   D 2 1  ? -5.952  1.875   -17.066 1.00 50.39  ? 1   G   D N2    1 
ATOM   666 N N3    . G   D 2 1  ? -8.018  2.410   -16.187 1.00 50.02  ? 1   G   D N3    1 
ATOM   667 C C4    . G   D 2 1  ? -9.101  1.866   -15.594 1.00 49.82  ? 1   G   D C4    1 
ATOM   668 P P     . G   D 2 2  ? -12.952 4.156   -19.493 1.00 101.31 ? 2   G   D P     1 
ATOM   669 O OP1   . G   D 2 2  ? -13.805 5.140   -20.201 1.00 96.38  ? 2   G   D OP1   1 
ATOM   670 O OP2   . G   D 2 2  ? -13.543 2.888   -18.965 1.00 97.74  ? 2   G   D OP2   1 
ATOM   671 O "O5'" . G   D 2 2  ? -11.722 3.751   -20.421 1.00 84.82  ? 2   G   D "O5'" 1 
ATOM   672 C "C5'" . G   D 2 2  ? -10.893 4.739   -21.049 1.00 76.09  ? 2   G   D "C5'" 1 
ATOM   673 C "C4'" . G   D 2 2  ? -9.473  4.252   -21.032 1.00 82.18  ? 2   G   D "C4'" 1 
ATOM   674 O "O4'" . G   D 2 2  ? -9.302  3.371   -19.901 1.00 79.32  ? 2   G   D "O4'" 1 
ATOM   675 C "C3'" . G   D 2 2  ? -9.048  3.405   -22.223 1.00 82.31  ? 2   G   D "C3'" 1 
ATOM   676 O "O3'" . G   D 2 2  ? -8.571  4.215   -23.288 1.00 84.89  ? 2   G   D "O3'" 1 
ATOM   677 C "C2'" . G   D 2 2  ? -7.914  2.538   -21.662 1.00 82.25  ? 2   G   D "C2'" 1 
ATOM   678 O "O2'" . G   D 2 2  ? -6.618  3.050   -21.922 1.00 84.17  ? 2   G   D "O2'" 1 
ATOM   679 C "C1'" . G   D 2 2  ? -8.220  2.503   -20.156 1.00 73.07  ? 2   G   D "C1'" 1 
ATOM   680 N N9    . G   D 2 2  ? -8.548  1.179   -19.633 1.00 57.45  ? 2   G   D N9    1 
ATOM   681 C C8    . G   D 2 2  ? -9.683  0.788   -18.962 1.00 56.84  ? 2   G   D C8    1 
ATOM   682 N N7    . G   D 2 2  ? -9.666  -0.472  -18.617 1.00 50.91  ? 2   G   D N7    1 
ATOM   683 C C5    . G   D 2 2  ? -8.434  -0.932  -19.061 1.00 53.46  ? 2   G   D C5    1 
ATOM   684 C C6    . G   D 2 2  ? -7.853  -2.229  -18.992 1.00 57.67  ? 2   G   D C6    1 
ATOM   685 O O6    . G   D 2 2  ? -8.312  -3.252  -18.468 1.00 57.82  ? 2   G   D O6    1 
ATOM   686 N N1    . G   D 2 2  ? -6.601  -2.263  -19.599 1.00 59.08  ? 2   G   D N1    1 
ATOM   687 C C2    . G   D 2 2  ? -5.989  -1.192  -20.210 1.00 64.57  ? 2   G   D C2    1 
ATOM   688 N N2    . G   D 2 2  ? -4.777  -1.422  -20.740 1.00 70.34  ? 2   G   D N2    1 
ATOM   689 N N3    . G   D 2 2  ? -6.525  0.017   -20.294 1.00 57.59  ? 2   G   D N3    1 
ATOM   690 C C4    . G   D 2 2  ? -7.734  0.076   -19.695 1.00 54.54  ? 2   G   D C4    1 
HETATM 691 O O     . HOH E 3 .  ? -3.604  9.676   -8.228  0.33 47.13  ? 101 HOH A O     1 
HETATM 692 O O     . HOH E 3 .  ? -1.640  10.159  -5.496  0.33 38.46  ? 102 HOH A O     1 
HETATM 693 O O     . HOH E 3 .  ? -11.768 -2.502  1.354   1.00 42.88  ? 103 HOH A O     1 
HETATM 694 O O     . HOH E 3 .  ? 11.840  -3.898  0.412   1.00 39.65  ? 104 HOH A O     1 
HETATM 695 O O     . HOH F 3 .  ? 5.095   11.801  3.589   0.33 59.77  ? 101 HOH B O     1 
HETATM 696 O O     . HOH F 3 .  ? 5.535   0.438   12.926  1.00 53.27  ? 102 HOH B O     1 
HETATM 697 O O     . HOH F 3 .  ? 0.626   10.746  -2.491  0.33 39.73  ? 103 HOH B O     1 
HETATM 698 O O     . HOH G 3 .  ? 11.824  4.958   16.964  1.00 48.49  ? 101 HOH C O     1 
# 
loop_
_pdbx_poly_seq_scheme.asym_id 
_pdbx_poly_seq_scheme.entity_id 
_pdbx_poly_seq_scheme.seq_id 
_pdbx_poly_seq_scheme.mon_id 
_pdbx_poly_seq_scheme.ndb_seq_num 
_pdbx_poly_seq_scheme.pdb_seq_num 
_pdbx_poly_seq_scheme.auth_seq_num 
_pdbx_poly_seq_scheme.pdb_mon_id 
_pdbx_poly_seq_scheme.auth_mon_id 
_pdbx_poly_seq_scheme.pdb_strand_id 
_pdbx_poly_seq_scheme.pdb_ins_code 
_pdbx_poly_seq_scheme.hetero 
A 1 1  LCC 1  1  1  LCC LCC A . n 
A 1 2  LCC 2  2  2  LCC LCC A . n 
A 1 3  LCC 3  3  3  LCC LCC A . n 
A 1 4  G   4  4  4  G   G   A . n 
A 1 5  A   5  5  5  A   A   A . n 
A 1 6  C   6  6  6  C   C   A . n 
A 1 7  U   7  7  7  U   U   A . n 
A 1 8  U   8  8  8  U   U   A . n 
A 1 9  A   9  9  9  A   A   A . n 
A 1 10 A   10 10 10 A   A   A . n 
A 1 11 G   11 11 11 G   G   A . n 
A 1 12 U   12 12 12 U   U   A . n 
A 1 13 C   13 13 13 C   C   A . n 
A 1 14 G   14 14 14 G   G   A . n 
B 1 1  LCC 1  1  1  LCC LCC B . n 
B 1 2  LCC 2  2  2  LCC LCC B . n 
B 1 3  LCC 3  3  3  LCC LCC B . n 
B 1 4  G   4  4  4  G   G   B . n 
B 1 5  A   5  5  5  A   A   B . n 
B 1 6  C   6  6  6  C   C   B . n 
B 1 7  U   7  7  7  U   U   B . n 
B 1 8  U   8  8  8  U   U   B . n 
B 1 9  A   9  9  9  A   A   B . n 
B 1 10 A   10 10 10 A   A   B . n 
B 1 11 G   11 11 11 G   G   B . n 
B 1 12 U   12 12 12 U   U   B . n 
B 1 13 C   13 13 13 C   C   B . n 
B 1 14 G   14 14 14 G   G   B . n 
C 2 1  G   1  1  1  G   G   C . n 
C 2 2  G   2  2  2  G   G   C . n 
D 2 1  G   1  1  1  G   G   D . n 
D 2 2  G   2  2  2  G   G   D . n 
# 
loop_
_pdbx_nonpoly_scheme.asym_id 
_pdbx_nonpoly_scheme.entity_id 
_pdbx_nonpoly_scheme.mon_id 
_pdbx_nonpoly_scheme.ndb_seq_num 
_pdbx_nonpoly_scheme.pdb_seq_num 
_pdbx_nonpoly_scheme.auth_seq_num 
_pdbx_nonpoly_scheme.pdb_mon_id 
_pdbx_nonpoly_scheme.auth_mon_id 
_pdbx_nonpoly_scheme.pdb_strand_id 
_pdbx_nonpoly_scheme.pdb_ins_code 
E 3 HOH 1 101 8 HOH HOH A . 
E 3 HOH 2 102 4 HOH HOH A . 
E 3 HOH 3 103 7 HOH HOH A . 
E 3 HOH 4 104 6 HOH HOH A . 
F 3 HOH 1 101 1 HOH HOH B . 
F 3 HOH 2 102 5 HOH HOH B . 
F 3 HOH 3 103 3 HOH HOH B . 
G 3 HOH 1 101 2 HOH HOH C . 
# 
_pdbx_struct_assembly.id                   1 
_pdbx_struct_assembly.details              author_defined_assembly 
_pdbx_struct_assembly.method_details       ? 
_pdbx_struct_assembly.oligomeric_details   tetrameric 
_pdbx_struct_assembly.oligomeric_count     4 
# 
_pdbx_struct_assembly_gen.assembly_id       1 
_pdbx_struct_assembly_gen.oper_expression   1 
_pdbx_struct_assembly_gen.asym_id_list      A,B,C,D,E,F,G 
# 
loop_
_pdbx_struct_assembly_prop.biol_id 
_pdbx_struct_assembly_prop.type 
_pdbx_struct_assembly_prop.value 
_pdbx_struct_assembly_prop.details 
1 'ABSA (A^2)' 2160 ? 
1 MORE         2    ? 
1 'SSA (A^2)'  5830 ? 
# 
_pdbx_struct_oper_list.id                   1 
_pdbx_struct_oper_list.type                 'identity operation' 
_pdbx_struct_oper_list.name                 1_555 
_pdbx_struct_oper_list.symmetry_operation   x,y,z 
_pdbx_struct_oper_list.matrix[1][1]         1.0000000000 
_pdbx_struct_oper_list.matrix[1][2]         0.0000000000 
_pdbx_struct_oper_list.matrix[1][3]         0.0000000000 
_pdbx_struct_oper_list.vector[1]            0.0000000000 
_pdbx_struct_oper_list.matrix[2][1]         0.0000000000 
_pdbx_struct_oper_list.matrix[2][2]         1.0000000000 
_pdbx_struct_oper_list.matrix[2][3]         0.0000000000 
_pdbx_struct_oper_list.vector[2]            0.0000000000 
_pdbx_struct_oper_list.matrix[3][1]         0.0000000000 
_pdbx_struct_oper_list.matrix[3][2]         0.0000000000 
_pdbx_struct_oper_list.matrix[3][3]         1.0000000000 
_pdbx_struct_oper_list.vector[3]            0.0000000000 
# 
loop_
_pdbx_struct_special_symmetry.id 
_pdbx_struct_special_symmetry.PDB_model_num 
_pdbx_struct_special_symmetry.auth_asym_id 
_pdbx_struct_special_symmetry.auth_comp_id 
_pdbx_struct_special_symmetry.auth_seq_id 
_pdbx_struct_special_symmetry.PDB_ins_code 
_pdbx_struct_special_symmetry.label_asym_id 
_pdbx_struct_special_symmetry.label_comp_id 
_pdbx_struct_special_symmetry.label_seq_id 
1 1 A HOH 101 ? E HOH . 
2 1 A HOH 102 ? E HOH . 
3 1 B HOH 101 ? F HOH . 
4 1 B HOH 103 ? F HOH . 
# 
loop_
_pdbx_audit_revision_history.ordinal 
_pdbx_audit_revision_history.data_content_type 
_pdbx_audit_revision_history.major_revision 
_pdbx_audit_revision_history.minor_revision 
_pdbx_audit_revision_history.revision_date 
1 'Structure model' 1 0 2017-07-05 
2 'Structure model' 1 1 2017-07-19 
3 'Structure model' 1 2 2017-08-02 
4 'Structure model' 1 3 2023-10-04 
# 
_pdbx_audit_revision_details.ordinal             1 
_pdbx_audit_revision_details.revision_ordinal    1 
_pdbx_audit_revision_details.data_content_type   'Structure model' 
_pdbx_audit_revision_details.provider            repository 
_pdbx_audit_revision_details.type                'Initial release' 
_pdbx_audit_revision_details.description         ? 
_pdbx_audit_revision_details.details             ? 
# 
loop_
_pdbx_audit_revision_group.ordinal 
_pdbx_audit_revision_group.revision_ordinal 
_pdbx_audit_revision_group.data_content_type 
_pdbx_audit_revision_group.group 
1 2 'Structure model' 'Database references'    
2 3 'Structure model' 'Database references'    
3 4 'Structure model' 'Data collection'        
4 4 'Structure model' 'Database references'    
5 4 'Structure model' 'Refinement description' 
# 
loop_
_pdbx_audit_revision_category.ordinal 
_pdbx_audit_revision_category.revision_ordinal 
_pdbx_audit_revision_category.data_content_type 
_pdbx_audit_revision_category.category 
1 2 'Structure model' citation                      
2 2 'Structure model' citation_author               
3 3 'Structure model' citation                      
4 4 'Structure model' chem_comp_atom                
5 4 'Structure model' chem_comp_bond                
6 4 'Structure model' database_2                    
7 4 'Structure model' pdbx_initial_refinement_model 
# 
loop_
_pdbx_audit_revision_item.ordinal 
_pdbx_audit_revision_item.revision_ordinal 
_pdbx_audit_revision_item.data_content_type 
_pdbx_audit_revision_item.item 
1 2 'Structure model' '_citation.journal_abbrev'            
2 2 'Structure model' '_citation.pdbx_database_id_PubMed'   
3 2 'Structure model' '_citation.title'                     
4 2 'Structure model' '_citation_author.name'               
5 3 'Structure model' '_citation.journal_volume'            
6 3 'Structure model' '_citation.page_first'                
7 3 'Structure model' '_citation.page_last'                 
8 4 'Structure model' '_database_2.pdbx_DOI'                
9 4 'Structure model' '_database_2.pdbx_database_accession' 
# 
loop_
_software.citation_id 
_software.classification 
_software.compiler_name 
_software.compiler_version 
_software.contact_author 
_software.contact_author_email 
_software.date 
_software.description 
_software.dependencies 
_software.hardware 
_software.language 
_software.location 
_software.mods 
_software.name 
_software.os 
_software.os_version 
_software.type 
_software.version 
_software.pdbx_ordinal 
? refinement       ? ? ? ? ? ? ? ? ? ? ? REFMAC   ? ? ? 5.8.0135 1 
? 'data reduction' ? ? ? ? ? ? ? ? ? ? ? HKL-2000 ? ? ? .        2 
? 'data scaling'   ? ? ? ? ? ? ? ? ? ? ? HKL-2000 ? ? ? .        3 
? phasing          ? ? ? ? ? ? ? ? ? ? ? PHASER   ? ? ? .        4 
# 
loop_
_pdbx_validate_rmsd_bond.id 
_pdbx_validate_rmsd_bond.PDB_model_num 
_pdbx_validate_rmsd_bond.auth_atom_id_1 
_pdbx_validate_rmsd_bond.auth_asym_id_1 
_pdbx_validate_rmsd_bond.auth_comp_id_1 
_pdbx_validate_rmsd_bond.auth_seq_id_1 
_pdbx_validate_rmsd_bond.PDB_ins_code_1 
_pdbx_validate_rmsd_bond.label_alt_id_1 
_pdbx_validate_rmsd_bond.auth_atom_id_2 
_pdbx_validate_rmsd_bond.auth_asym_id_2 
_pdbx_validate_rmsd_bond.auth_comp_id_2 
_pdbx_validate_rmsd_bond.auth_seq_id_2 
_pdbx_validate_rmsd_bond.PDB_ins_code_2 
_pdbx_validate_rmsd_bond.label_alt_id_2 
_pdbx_validate_rmsd_bond.bond_value 
_pdbx_validate_rmsd_bond.bond_target_value 
_pdbx_validate_rmsd_bond.bond_deviation 
_pdbx_validate_rmsd_bond.bond_standard_deviation 
_pdbx_validate_rmsd_bond.linker_flag 
1 1 "O3'" A LCC 1 ? ? P   A LCC 2 ? ? 1.499 1.607 -0.108 0.012 Y 
2 1 "O3'" B LCC 2 ? ? P   B LCC 3 ? ? 1.689 1.607 0.082  0.012 Y 
3 1 P     C G   1 ? ? OP3 C G   1 ? ? 1.490 1.607 -0.117 0.012 N 
4 1 P     D G   1 ? ? OP3 D G   1 ? ? 1.492 1.607 -0.115 0.012 N 
# 
loop_
_pdbx_validate_rmsd_angle.id 
_pdbx_validate_rmsd_angle.PDB_model_num 
_pdbx_validate_rmsd_angle.auth_atom_id_1 
_pdbx_validate_rmsd_angle.auth_asym_id_1 
_pdbx_validate_rmsd_angle.auth_comp_id_1 
_pdbx_validate_rmsd_angle.auth_seq_id_1 
_pdbx_validate_rmsd_angle.PDB_ins_code_1 
_pdbx_validate_rmsd_angle.label_alt_id_1 
_pdbx_validate_rmsd_angle.auth_atom_id_2 
_pdbx_validate_rmsd_angle.auth_asym_id_2 
_pdbx_validate_rmsd_angle.auth_comp_id_2 
_pdbx_validate_rmsd_angle.auth_seq_id_2 
_pdbx_validate_rmsd_angle.PDB_ins_code_2 
_pdbx_validate_rmsd_angle.label_alt_id_2 
_pdbx_validate_rmsd_angle.auth_atom_id_3 
_pdbx_validate_rmsd_angle.auth_asym_id_3 
_pdbx_validate_rmsd_angle.auth_comp_id_3 
_pdbx_validate_rmsd_angle.auth_seq_id_3 
_pdbx_validate_rmsd_angle.PDB_ins_code_3 
_pdbx_validate_rmsd_angle.label_alt_id_3 
_pdbx_validate_rmsd_angle.angle_value 
_pdbx_validate_rmsd_angle.angle_target_value 
_pdbx_validate_rmsd_angle.angle_deviation 
_pdbx_validate_rmsd_angle.angle_standard_deviation 
_pdbx_validate_rmsd_angle.linker_flag 
1 1 "C3'" A LCC 1  ? ? "O3'" A LCC 1  ? ? P     A LCC 2  ? ? 138.81 119.70 19.11  1.20 Y 
2 1 "O3'" A LCC 1  ? ? P     A LCC 2  ? ? "O5'" A LCC 2  ? ? 84.80  104.00 -19.20 1.90 Y 
3 1 "C3'" A LCC 3  ? ? "O3'" A LCC 3  ? ? P     A G   4  ? ? 127.16 119.70 7.46   1.20 Y 
4 1 "O5'" A G   11 ? ? P     A G   11 ? ? OP2   A G   11 ? ? 100.20 105.70 -5.50  0.90 N 
5 1 "C3'" B LCC 1  ? ? "O3'" B LCC 1  ? ? P     B LCC 2  ? ? 135.61 119.70 15.91  1.20 Y 
6 1 "C3'" B LCC 2  ? ? "O3'" B LCC 2  ? ? P     B LCC 3  ? ? 130.34 119.70 10.64  1.20 Y 
7 1 "O3'" B LCC 2  ? ? P     B LCC 3  ? ? "O5'" B LCC 3  ? ? 75.06  104.00 -28.94 1.90 Y 
8 1 "O3'" B LCC 3  ? ? P     B G   4  ? ? "O5'" B G   4  ? ? 116.01 104.00 12.01  1.90 Y 
# 
loop_
_chem_comp_atom.comp_id 
_chem_comp_atom.atom_id 
_chem_comp_atom.type_symbol 
_chem_comp_atom.pdbx_aromatic_flag 
_chem_comp_atom.pdbx_stereo_config 
_chem_comp_atom.pdbx_ordinal 
A   OP3    O N N 1   
A   P      P N N 2   
A   OP1    O N N 3   
A   OP2    O N N 4   
A   "O5'"  O N N 5   
A   "C5'"  C N N 6   
A   "C4'"  C N R 7   
A   "O4'"  O N N 8   
A   "C3'"  C N S 9   
A   "O3'"  O N N 10  
A   "C2'"  C N R 11  
A   "O2'"  O N N 12  
A   "C1'"  C N R 13  
A   N9     N Y N 14  
A   C8     C Y N 15  
A   N7     N Y N 16  
A   C5     C Y N 17  
A   C6     C Y N 18  
A   N6     N N N 19  
A   N1     N Y N 20  
A   C2     C Y N 21  
A   N3     N Y N 22  
A   C4     C Y N 23  
A   HOP3   H N N 24  
A   HOP2   H N N 25  
A   "H5'"  H N N 26  
A   "H5''" H N N 27  
A   "H4'"  H N N 28  
A   "H3'"  H N N 29  
A   "HO3'" H N N 30  
A   "H2'"  H N N 31  
A   "HO2'" H N N 32  
A   "H1'"  H N N 33  
A   H8     H N N 34  
A   H61    H N N 35  
A   H62    H N N 36  
A   H2     H N N 37  
C   OP3    O N N 38  
C   P      P N N 39  
C   OP1    O N N 40  
C   OP2    O N N 41  
C   "O5'"  O N N 42  
C   "C5'"  C N N 43  
C   "C4'"  C N R 44  
C   "O4'"  O N N 45  
C   "C3'"  C N S 46  
C   "O3'"  O N N 47  
C   "C2'"  C N R 48  
C   "O2'"  O N N 49  
C   "C1'"  C N R 50  
C   N1     N N N 51  
C   C2     C N N 52  
C   O2     O N N 53  
C   N3     N N N 54  
C   C4     C N N 55  
C   N4     N N N 56  
C   C5     C N N 57  
C   C6     C N N 58  
C   HOP3   H N N 59  
C   HOP2   H N N 60  
C   "H5'"  H N N 61  
C   "H5''" H N N 62  
C   "H4'"  H N N 63  
C   "H3'"  H N N 64  
C   "HO3'" H N N 65  
C   "H2'"  H N N 66  
C   "HO2'" H N N 67  
C   "H1'"  H N N 68  
C   H41    H N N 69  
C   H42    H N N 70  
C   H5     H N N 71  
C   H6     H N N 72  
G   OP3    O N N 73  
G   P      P N N 74  
G   OP1    O N N 75  
G   OP2    O N N 76  
G   "O5'"  O N N 77  
G   "C5'"  C N N 78  
G   "C4'"  C N R 79  
G   "O4'"  O N N 80  
G   "C3'"  C N S 81  
G   "O3'"  O N N 82  
G   "C2'"  C N R 83  
G   "O2'"  O N N 84  
G   "C1'"  C N R 85  
G   N9     N Y N 86  
G   C8     C Y N 87  
G   N7     N Y N 88  
G   C5     C Y N 89  
G   C6     C N N 90  
G   O6     O N N 91  
G   N1     N N N 92  
G   C2     C N N 93  
G   N2     N N N 94  
G   N3     N N N 95  
G   C4     C Y N 96  
G   HOP3   H N N 97  
G   HOP2   H N N 98  
G   "H5'"  H N N 99  
G   "H5''" H N N 100 
G   "H4'"  H N N 101 
G   "H3'"  H N N 102 
G   "HO3'" H N N 103 
G   "H2'"  H N N 104 
G   "HO2'" H N N 105 
G   "H1'"  H N N 106 
G   H8     H N N 107 
G   H1     H N N 108 
G   H21    H N N 109 
G   H22    H N N 110 
HOH O      O N N 111 
HOH H1     H N N 112 
HOH H2     H N N 113 
LCC "O5'"  O N N 114 
LCC "C5'"  C N N 115 
LCC "C4'"  C N R 116 
LCC "O4'"  O N N 117 
LCC "C1'"  C N R 118 
LCC N1     N N N 119 
LCC C6     C N N 120 
LCC C5     C N N 121 
LCC C5M    C N N 122 
LCC C4     C N N 123 
LCC N4     N N N 124 
LCC N3     N N N 125 
LCC C2     C N N 126 
LCC O2     O N N 127 
LCC "C3'"  C N S 128 
LCC "C2'"  C N R 129 
LCC "O2'"  O N N 130 
LCC "O3'"  O N N 131 
LCC "C6'"  C N N 132 
LCC P      P N N 133 
LCC O1P    O N N 134 
LCC O2P    O N N 135 
LCC OXT    O N N 136 
LCC "H5'1" H N N 137 
LCC "H5'2" H N N 138 
LCC "H1'"  H N N 139 
LCC H6     H N N 140 
LCC H5M1   H N N 141 
LCC H5M2   H N N 142 
LCC H5M3   H N N 143 
LCC H41    H N N 144 
LCC H42    H N N 145 
LCC "H3'"  H N N 146 
LCC "H2'1" H N N 147 
LCC H3T    H N N 148 
LCC "H6'1" H N N 149 
LCC "H6'2" H N N 150 
LCC H1P    H N N 151 
LCC HXT    H N N 152 
U   OP3    O N N 153 
U   P      P N N 154 
U   OP1    O N N 155 
U   OP2    O N N 156 
U   "O5'"  O N N 157 
U   "C5'"  C N N 158 
U   "C4'"  C N R 159 
U   "O4'"  O N N 160 
U   "C3'"  C N S 161 
U   "O3'"  O N N 162 
U   "C2'"  C N R 163 
U   "O2'"  O N N 164 
U   "C1'"  C N R 165 
U   N1     N N N 166 
U   C2     C N N 167 
U   O2     O N N 168 
U   N3     N N N 169 
U   C4     C N N 170 
U   O4     O N N 171 
U   C5     C N N 172 
U   C6     C N N 173 
U   HOP3   H N N 174 
U   HOP2   H N N 175 
U   "H5'"  H N N 176 
U   "H5''" H N N 177 
U   "H4'"  H N N 178 
U   "H3'"  H N N 179 
U   "HO3'" H N N 180 
U   "H2'"  H N N 181 
U   "HO2'" H N N 182 
U   "H1'"  H N N 183 
U   H3     H N N 184 
U   H5     H N N 185 
U   H6     H N N 186 
# 
loop_
_chem_comp_bond.comp_id 
_chem_comp_bond.atom_id_1 
_chem_comp_bond.atom_id_2 
_chem_comp_bond.value_order 
_chem_comp_bond.pdbx_aromatic_flag 
_chem_comp_bond.pdbx_stereo_config 
_chem_comp_bond.pdbx_ordinal 
A   OP3   P      sing N N 1   
A   OP3   HOP3   sing N N 2   
A   P     OP1    doub N N 3   
A   P     OP2    sing N N 4   
A   P     "O5'"  sing N N 5   
A   OP2   HOP2   sing N N 6   
A   "O5'" "C5'"  sing N N 7   
A   "C5'" "C4'"  sing N N 8   
A   "C5'" "H5'"  sing N N 9   
A   "C5'" "H5''" sing N N 10  
A   "C4'" "O4'"  sing N N 11  
A   "C4'" "C3'"  sing N N 12  
A   "C4'" "H4'"  sing N N 13  
A   "O4'" "C1'"  sing N N 14  
A   "C3'" "O3'"  sing N N 15  
A   "C3'" "C2'"  sing N N 16  
A   "C3'" "H3'"  sing N N 17  
A   "O3'" "HO3'" sing N N 18  
A   "C2'" "O2'"  sing N N 19  
A   "C2'" "C1'"  sing N N 20  
A   "C2'" "H2'"  sing N N 21  
A   "O2'" "HO2'" sing N N 22  
A   "C1'" N9     sing N N 23  
A   "C1'" "H1'"  sing N N 24  
A   N9    C8     sing Y N 25  
A   N9    C4     sing Y N 26  
A   C8    N7     doub Y N 27  
A   C8    H8     sing N N 28  
A   N7    C5     sing Y N 29  
A   C5    C6     sing Y N 30  
A   C5    C4     doub Y N 31  
A   C6    N6     sing N N 32  
A   C6    N1     doub Y N 33  
A   N6    H61    sing N N 34  
A   N6    H62    sing N N 35  
A   N1    C2     sing Y N 36  
A   C2    N3     doub Y N 37  
A   C2    H2     sing N N 38  
A   N3    C4     sing Y N 39  
C   OP3   P      sing N N 40  
C   OP3   HOP3   sing N N 41  
C   P     OP1    doub N N 42  
C   P     OP2    sing N N 43  
C   P     "O5'"  sing N N 44  
C   OP2   HOP2   sing N N 45  
C   "O5'" "C5'"  sing N N 46  
C   "C5'" "C4'"  sing N N 47  
C   "C5'" "H5'"  sing N N 48  
C   "C5'" "H5''" sing N N 49  
C   "C4'" "O4'"  sing N N 50  
C   "C4'" "C3'"  sing N N 51  
C   "C4'" "H4'"  sing N N 52  
C   "O4'" "C1'"  sing N N 53  
C   "C3'" "O3'"  sing N N 54  
C   "C3'" "C2'"  sing N N 55  
C   "C3'" "H3'"  sing N N 56  
C   "O3'" "HO3'" sing N N 57  
C   "C2'" "O2'"  sing N N 58  
C   "C2'" "C1'"  sing N N 59  
C   "C2'" "H2'"  sing N N 60  
C   "O2'" "HO2'" sing N N 61  
C   "C1'" N1     sing N N 62  
C   "C1'" "H1'"  sing N N 63  
C   N1    C2     sing N N 64  
C   N1    C6     sing N N 65  
C   C2    O2     doub N N 66  
C   C2    N3     sing N N 67  
C   N3    C4     doub N N 68  
C   C4    N4     sing N N 69  
C   C4    C5     sing N N 70  
C   N4    H41    sing N N 71  
C   N4    H42    sing N N 72  
C   C5    C6     doub N N 73  
C   C5    H5     sing N N 74  
C   C6    H6     sing N N 75  
G   OP3   P      sing N N 76  
G   OP3   HOP3   sing N N 77  
G   P     OP1    doub N N 78  
G   P     OP2    sing N N 79  
G   P     "O5'"  sing N N 80  
G   OP2   HOP2   sing N N 81  
G   "O5'" "C5'"  sing N N 82  
G   "C5'" "C4'"  sing N N 83  
G   "C5'" "H5'"  sing N N 84  
G   "C5'" "H5''" sing N N 85  
G   "C4'" "O4'"  sing N N 86  
G   "C4'" "C3'"  sing N N 87  
G   "C4'" "H4'"  sing N N 88  
G   "O4'" "C1'"  sing N N 89  
G   "C3'" "O3'"  sing N N 90  
G   "C3'" "C2'"  sing N N 91  
G   "C3'" "H3'"  sing N N 92  
G   "O3'" "HO3'" sing N N 93  
G   "C2'" "O2'"  sing N N 94  
G   "C2'" "C1'"  sing N N 95  
G   "C2'" "H2'"  sing N N 96  
G   "O2'" "HO2'" sing N N 97  
G   "C1'" N9     sing N N 98  
G   "C1'" "H1'"  sing N N 99  
G   N9    C8     sing Y N 100 
G   N9    C4     sing Y N 101 
G   C8    N7     doub Y N 102 
G   C8    H8     sing N N 103 
G   N7    C5     sing Y N 104 
G   C5    C6     sing N N 105 
G   C5    C4     doub Y N 106 
G   C6    O6     doub N N 107 
G   C6    N1     sing N N 108 
G   N1    C2     sing N N 109 
G   N1    H1     sing N N 110 
G   C2    N2     sing N N 111 
G   C2    N3     doub N N 112 
G   N2    H21    sing N N 113 
G   N2    H22    sing N N 114 
G   N3    C4     sing N N 115 
HOH O     H1     sing N N 116 
HOH O     H2     sing N N 117 
LCC "O5'" "C5'"  sing N N 118 
LCC "O5'" P      sing N N 119 
LCC "C5'" "C4'"  sing N N 120 
LCC "C5'" "H5'1" sing N N 121 
LCC "C5'" "H5'2" sing N N 122 
LCC "C4'" "O4'"  sing N N 123 
LCC "C4'" "C3'"  sing N N 124 
LCC "C4'" "C6'"  sing N N 125 
LCC "O4'" "C1'"  sing N N 126 
LCC "C1'" N1     sing N N 127 
LCC "C1'" "C2'"  sing N N 128 
LCC "C1'" "H1'"  sing N N 129 
LCC N1    C6     sing N N 130 
LCC N1    C2     sing N N 131 
LCC C6    C5     doub N N 132 
LCC C6    H6     sing N N 133 
LCC C5    C5M    sing N N 134 
LCC C5    C4     sing N N 135 
LCC C5M   H5M1   sing N N 136 
LCC C5M   H5M2   sing N N 137 
LCC C5M   H5M3   sing N N 138 
LCC C4    N4     sing N N 139 
LCC C4    N3     doub N N 140 
LCC N4    H41    sing N N 141 
LCC N4    H42    sing N N 142 
LCC N3    C2     sing N N 143 
LCC C2    O2     doub N N 144 
LCC "C3'" "C2'"  sing N N 145 
LCC "C3'" "O3'"  sing N N 146 
LCC "C3'" "H3'"  sing N N 147 
LCC "C2'" "O2'"  sing N N 148 
LCC "C2'" "H2'1" sing N N 149 
LCC "O2'" "C6'"  sing N N 150 
LCC "O3'" H3T    sing N N 151 
LCC "C6'" "H6'1" sing N N 152 
LCC "C6'" "H6'2" sing N N 153 
LCC P     O1P    sing N N 154 
LCC P     O2P    doub N N 155 
LCC P     OXT    sing N N 156 
LCC O1P   H1P    sing N N 157 
LCC OXT   HXT    sing N N 158 
U   OP3   P      sing N N 159 
U   OP3   HOP3   sing N N 160 
U   P     OP1    doub N N 161 
U   P     OP2    sing N N 162 
U   P     "O5'"  sing N N 163 
U   OP2   HOP2   sing N N 164 
U   "O5'" "C5'"  sing N N 165 
U   "C5'" "C4'"  sing N N 166 
U   "C5'" "H5'"  sing N N 167 
U   "C5'" "H5''" sing N N 168 
U   "C4'" "O4'"  sing N N 169 
U   "C4'" "C3'"  sing N N 170 
U   "C4'" "H4'"  sing N N 171 
U   "O4'" "C1'"  sing N N 172 
U   "C3'" "O3'"  sing N N 173 
U   "C3'" "C2'"  sing N N 174 
U   "C3'" "H3'"  sing N N 175 
U   "O3'" "HO3'" sing N N 176 
U   "C2'" "O2'"  sing N N 177 
U   "C2'" "C1'"  sing N N 178 
U   "C2'" "H2'"  sing N N 179 
U   "O2'" "HO2'" sing N N 180 
U   "C1'" N1     sing N N 181 
U   "C1'" "H1'"  sing N N 182 
U   N1    C2     sing N N 183 
U   N1    C6     sing N N 184 
U   C2    O2     doub N N 185 
U   C2    N3     sing N N 186 
U   N3    C4     sing N N 187 
U   N3    H3     sing N N 188 
U   C4    O4     doub N N 189 
U   C4    C5     sing N N 190 
U   C5    C6     doub N N 191 
U   C5    H5     sing N N 192 
U   C6    H6     sing N N 193 
# 
_ndb_struct_conf_na.entry_id   5UEF 
_ndb_struct_conf_na.feature    'a-form double helix' 
# 
loop_
_ndb_struct_na_base_pair.model_number 
_ndb_struct_na_base_pair.i_label_asym_id 
_ndb_struct_na_base_pair.i_label_comp_id 
_ndb_struct_na_base_pair.i_label_seq_id 
_ndb_struct_na_base_pair.i_symmetry 
_ndb_struct_na_base_pair.j_label_asym_id 
_ndb_struct_na_base_pair.j_label_comp_id 
_ndb_struct_na_base_pair.j_label_seq_id 
_ndb_struct_na_base_pair.j_symmetry 
_ndb_struct_na_base_pair.shear 
_ndb_struct_na_base_pair.stretch 
_ndb_struct_na_base_pair.stagger 
_ndb_struct_na_base_pair.buckle 
_ndb_struct_na_base_pair.propeller 
_ndb_struct_na_base_pair.opening 
_ndb_struct_na_base_pair.pair_number 
_ndb_struct_na_base_pair.pair_name 
_ndb_struct_na_base_pair.i_auth_asym_id 
_ndb_struct_na_base_pair.i_auth_seq_id 
_ndb_struct_na_base_pair.i_PDB_ins_code 
_ndb_struct_na_base_pair.j_auth_asym_id 
_ndb_struct_na_base_pair.j_auth_seq_id 
_ndb_struct_na_base_pair.j_PDB_ins_code 
_ndb_struct_na_base_pair.hbond_type_28 
_ndb_struct_na_base_pair.hbond_type_12 
1 A G 4  1_555 B C 13 1_555 -0.264 -0.201 0.299  -0.360  -13.067 0.237  1  A_G4:C13_B A 4  ? B 13 ? 19 1 
1 A A 5  1_555 B U 12 1_555 -0.064 -0.176 0.469  8.207   -13.634 1.907  2  A_A5:U12_B A 5  ? B 12 ? 20 1 
1 A C 6  1_555 B G 11 1_555 0.235  -0.107 0.070  8.240   -17.574 4.795  3  A_C6:G11_B A 6  ? B 11 ? 19 1 
1 A U 7  1_555 B A 10 1_555 -0.145 -0.122 0.123  0.928   -16.478 0.774  4  A_U7:A10_B A 7  ? B 10 ? 20 1 
1 A U 8  1_555 B A 9  1_555 0.180  -0.089 0.338  -1.123  -8.934  3.958  5  A_U8:A9_B  A 8  ? B 9  ? 20 1 
1 A A 9  1_555 B U 8  1_555 -0.051 -0.183 0.061  -0.612  -16.153 5.787  6  A_A9:U8_B  A 9  ? B 8  ? 20 1 
1 A A 10 1_555 B U 7  1_555 0.352  -0.110 -0.089 -4.927  -15.767 1.977  7  A_A10:U7_B A 10 ? B 7  ? 20 1 
1 A G 11 1_555 B C 6  1_555 -0.200 0.064  0.219  -5.823  -12.897 4.687  8  A_G11:C6_B A 11 ? B 6  ? 19 1 
1 A U 12 1_555 B A 5  1_555 0.046  -0.062 0.484  -11.228 -9.451  3.452  9  A_U12:A5_B A 12 ? B 5  ? 20 1 
1 A C 13 1_555 B G 4  1_555 0.166  -0.279 0.532  -0.553  -15.031 -0.074 10 A_C13:G4_B A 13 ? B 4  ? 19 1 
# 
loop_
_ndb_struct_na_base_pair_step.model_number 
_ndb_struct_na_base_pair_step.i_label_asym_id_1 
_ndb_struct_na_base_pair_step.i_label_comp_id_1 
_ndb_struct_na_base_pair_step.i_label_seq_id_1 
_ndb_struct_na_base_pair_step.i_symmetry_1 
_ndb_struct_na_base_pair_step.j_label_asym_id_1 
_ndb_struct_na_base_pair_step.j_label_comp_id_1 
_ndb_struct_na_base_pair_step.j_label_seq_id_1 
_ndb_struct_na_base_pair_step.j_symmetry_1 
_ndb_struct_na_base_pair_step.i_label_asym_id_2 
_ndb_struct_na_base_pair_step.i_label_comp_id_2 
_ndb_struct_na_base_pair_step.i_label_seq_id_2 
_ndb_struct_na_base_pair_step.i_symmetry_2 
_ndb_struct_na_base_pair_step.j_label_asym_id_2 
_ndb_struct_na_base_pair_step.j_label_comp_id_2 
_ndb_struct_na_base_pair_step.j_label_seq_id_2 
_ndb_struct_na_base_pair_step.j_symmetry_2 
_ndb_struct_na_base_pair_step.shift 
_ndb_struct_na_base_pair_step.slide 
_ndb_struct_na_base_pair_step.rise 
_ndb_struct_na_base_pair_step.tilt 
_ndb_struct_na_base_pair_step.roll 
_ndb_struct_na_base_pair_step.twist 
_ndb_struct_na_base_pair_step.x_displacement 
_ndb_struct_na_base_pair_step.y_displacement 
_ndb_struct_na_base_pair_step.helical_rise 
_ndb_struct_na_base_pair_step.inclination 
_ndb_struct_na_base_pair_step.tip 
_ndb_struct_na_base_pair_step.helical_twist 
_ndb_struct_na_base_pair_step.step_number 
_ndb_struct_na_base_pair_step.step_name 
_ndb_struct_na_base_pair_step.i_auth_asym_id_1 
_ndb_struct_na_base_pair_step.i_auth_seq_id_1 
_ndb_struct_na_base_pair_step.i_PDB_ins_code_1 
_ndb_struct_na_base_pair_step.j_auth_asym_id_1 
_ndb_struct_na_base_pair_step.j_auth_seq_id_1 
_ndb_struct_na_base_pair_step.j_PDB_ins_code_1 
_ndb_struct_na_base_pair_step.i_auth_asym_id_2 
_ndb_struct_na_base_pair_step.i_auth_seq_id_2 
_ndb_struct_na_base_pair_step.i_PDB_ins_code_2 
_ndb_struct_na_base_pair_step.j_auth_asym_id_2 
_ndb_struct_na_base_pair_step.j_auth_seq_id_2 
_ndb_struct_na_base_pair_step.j_PDB_ins_code_2 
1 A G 4  1_555 B C 13 1_555 A A 5  1_555 B U 12 1_555 0.217  -1.217 3.016 1.240  0.711  32.933 -2.256 -0.189 2.995 1.254  -2.186 
32.964 1 AA_G4A5:U12C13_BB A 4  ? B 13 ? A 5  ? B 12 ? 
1 A A 5  1_555 B U 12 1_555 A C 6  1_555 B G 11 1_555 0.597  -1.479 3.159 4.570  5.115  35.223 -3.096 -0.350 2.974 8.355  -7.465 
35.864 2 AA_A5C6:G11U12_BB A 5  ? B 12 ? A 6  ? B 11 ? 
1 A C 6  1_555 B G 11 1_555 A U 7  1_555 B A 10 1_555 -0.707 -1.885 3.314 -3.351 11.428 27.465 -5.826 0.733  2.422 22.761 6.675  
29.890 3 AA_C6U7:A10G11_BB A 6  ? B 11 ? A 7  ? B 10 ? 
1 A U 7  1_555 B A 10 1_555 A U 8  1_555 B A 9  1_555 -0.140 -1.381 3.280 -3.245 10.268 32.935 -3.817 -0.237 2.740 17.536 5.542  
34.604 4 AA_U7U8:A9A10_BB  A 7  ? B 10 ? A 8  ? B 9  ? 
1 A U 8  1_555 B A 9  1_555 A A 9  1_555 B U 8  1_555 0.351  -1.673 3.038 1.910  15.161 29.572 -5.000 -0.353 1.986 27.511 -3.466 
33.208 5 AA_U8A9:U8A9_BB   A 8  ? B 9  ? A 9  ? B 8  ? 
1 A A 9  1_555 B U 8  1_555 A A 10 1_555 B U 7  1_555 -0.524 -1.226 3.367 0.992  4.310  35.833 -2.591 0.986  3.188 6.971  -1.605 
36.096 6 AA_A9A10:U7U8_BB  A 9  ? B 8  ? A 10 ? B 7  ? 
1 A A 10 1_555 B U 7  1_555 A G 11 1_555 B C 6  1_555 0.660  -1.752 3.118 1.803  9.459  28.476 -5.085 -0.949 2.459 18.570 -3.539 
30.029 7 AA_A10G11:C6U7_BB A 10 ? B 7  ? A 11 ? B 6  ? 
1 A G 11 1_555 B C 6  1_555 A U 12 1_555 B A 5  1_555 -0.364 -1.447 3.345 -3.152 8.486  32.124 -3.895 0.124  2.901 14.967 5.560  
33.343 8 AA_G11U12:A5C6_BB A 11 ? B 6  ? A 12 ? B 5  ? 
1 A U 12 1_555 B A 5  1_555 A C 13 1_555 B G 4  1_555 -0.028 -1.297 2.959 -1.983 -0.574 33.976 -2.132 -0.239 2.976 -0.981 3.390  
34.037 9 AA_U12C13:G4A5_BB A 12 ? B 5  ? A 13 ? B 4  ? 
# 
_pdbx_entity_nonpoly.entity_id   3 
_pdbx_entity_nonpoly.name        water 
_pdbx_entity_nonpoly.comp_id     HOH 
# 
_pdbx_initial_refinement_model.id               1 
_pdbx_initial_refinement_model.entity_id_list   ? 
_pdbx_initial_refinement_model.type             'experimental model' 
_pdbx_initial_refinement_model.source_name      PDB 
_pdbx_initial_refinement_model.accession_code   5DHC 
_pdbx_initial_refinement_model.details          ? 
# 
